data_1H1P
#
_entry.id   1H1P
#
_cell.length_a   124.030
_cell.length_b   193.830
_cell.length_c   157.490
_cell.angle_alpha   90.00
_cell.angle_beta   90.00
_cell.angle_gamma   90.00
#
_symmetry.space_group_name_H-M   'C 2 2 21'
#
loop_
_entity.id
_entity.type
_entity.pdbx_description
1 polymer 'CELL DIVISION PROTEIN KINASE 2'
2 polymer 'CYCLIN A2'
3 non-polymer '6-O-CYCLOHEXYLMETHYL GUANINE'
4 water water
#
loop_
_entity_poly.entity_id
_entity_poly.type
_entity_poly.pdbx_seq_one_letter_code
_entity_poly.pdbx_strand_id
1 'polypeptide(L)'
;GPLGSMENFQKVEKIGEGTYGVVYKARNKLTGEVVALKKIRLDTETEGVPSTAIREISLLKELNHPNIVKLLDVIHTENK
LYLVFEFLHQDLKKFMDASALTGIPLPLIKSYLFQLLQGLAFCHSHRVLHRDLKPQNLLINTEGAIKLADFGLARAFGVP
VRTY(TPO)HEVVTLWYRAPEILLGCKYYSTAVDIWSLGCIFAEMVTRRALFPGDSEIDQLFRIFRTLGTPDEVVWPGVT
SMPDYKPSFPKWARQDFSKVVPPLDEDGRSLLSQMLHYDPNKRISAKAALAHPFFQDVTKPVPHLRL
;
A,C
2 'polypeptide(L)'
;VPDYHEDIHTYLREMEVKCKPKVGYMKKQPDITNSMRAILVDWLVEVGEEYKLQNETLHLAVNYIDRFLSSMSVLRGKLQ
LVGTAAMLLASKFEEIYPPEVAEFVYITDDTYTKKQVLRMEHLVLKVLTFDLAAPTVNQFLTQYFLHQQPANCKVESLAM
FLGELSLIDADPYLKYLPSVIAGAAFHLALYTVTGQSWPESLIRKTGYTLESLKPCLMDLHQTYLKAPQHAQQSIREKYK
NSKYHGVSLLNPPETLNL
;
B,D
#
loop_
_chem_comp.id
_chem_comp.type
_chem_comp.name
_chem_comp.formula
CMG non-polymer '6-O-CYCLOHEXYLMETHYL GUANINE' 'C12 H17 N5 O'
#
# COMPACT_ATOMS: atom_id res chain seq x y z
N SER A 5 11.97 -14.91 -8.51
CA SER A 5 12.08 -13.81 -7.54
C SER A 5 13.27 -12.88 -7.78
N MET A 6 14.28 -13.53 -8.39
CA MET A 6 15.43 -12.79 -8.91
C MET A 6 15.63 -12.93 -10.39
N GLU A 7 14.64 -13.50 -11.08
CA GLU A 7 14.74 -13.76 -12.53
C GLU A 7 14.90 -12.49 -13.35
N ASN A 8 14.33 -11.37 -12.93
CA ASN A 8 14.47 -10.09 -13.55
C ASN A 8 15.72 -9.27 -13.21
N PHE A 9 16.70 -9.83 -12.49
CA PHE A 9 17.94 -9.12 -12.23
C PHE A 9 19.11 -9.78 -12.91
N GLN A 10 19.95 -9.04 -13.62
CA GLN A 10 21.12 -9.69 -14.16
C GLN A 10 22.37 -9.23 -13.37
N LYS A 11 23.20 -10.16 -12.89
CA LYS A 11 24.42 -9.80 -12.14
C LYS A 11 25.40 -9.07 -13.02
N VAL A 12 25.91 -7.89 -12.64
CA VAL A 12 26.91 -7.17 -13.39
C VAL A 12 28.28 -7.43 -12.74
N GLU A 13 28.46 -7.37 -11.43
CA GLU A 13 29.66 -7.63 -10.68
C GLU A 13 29.40 -7.73 -9.18
N LYS A 14 30.28 -8.40 -8.44
CA LYS A 14 30.34 -8.47 -7.02
C LYS A 14 31.01 -7.21 -6.50
N ILE A 15 30.45 -6.30 -5.75
CA ILE A 15 31.09 -5.07 -5.33
C ILE A 15 31.82 -5.31 -4.00
N GLY A 16 31.28 -5.95 -2.99
CA GLY A 16 32.04 -6.17 -1.76
C GLY A 16 31.17 -6.69 -0.64
N GLU A 17 31.74 -6.91 0.54
CA GLU A 17 31.00 -7.30 1.73
C GLU A 17 30.91 -6.03 2.60
N GLY A 18 29.73 -5.70 3.07
CA GLY A 18 29.58 -4.49 3.91
C GLY A 18 29.28 -5.02 5.32
N THR A 19 28.46 -4.31 6.08
CA THR A 19 28.10 -4.70 7.42
C THR A 19 27.73 -6.19 7.45
N TYR A 20 26.88 -6.67 6.55
CA TYR A 20 26.50 -8.08 6.50
C TYR A 20 26.09 -8.41 5.05
N GLY A 21 26.00 -9.65 4.64
CA GLY A 21 25.74 -10.16 3.33
C GLY A 21 26.81 -9.82 2.27
N VAL A 22 26.52 -9.97 0.97
CA VAL A 22 27.34 -9.58 -0.13
C VAL A 22 26.59 -8.57 -1.03
N VAL A 23 27.28 -7.51 -1.43
CA VAL A 23 26.65 -6.54 -2.31
C VAL A 23 27.11 -6.70 -3.76
N TYR A 24 26.15 -6.74 -4.69
CA TYR A 24 26.41 -6.80 -6.13
C TYR A 24 25.82 -5.62 -6.86
N LYS A 25 26.44 -5.25 -7.97
CA LYS A 25 25.93 -4.34 -8.95
C LYS A 25 25.05 -5.23 -9.87
N ALA A 26 23.86 -4.76 -10.24
CA ALA A 26 22.99 -5.65 -11.07
C ALA A 26 22.04 -4.78 -11.86
N ARG A 27 21.43 -5.42 -12.89
CA ARG A 27 20.50 -4.58 -13.65
C ARG A 27 19.13 -5.19 -13.76
N ASN A 28 18.10 -4.35 -13.77
CA ASN A 28 16.72 -4.92 -13.87
C ASN A 28 16.61 -5.25 -15.38
N LYS A 29 16.41 -6.49 -15.75
CA LYS A 29 16.37 -6.78 -17.19
C LYS A 29 15.11 -6.22 -17.90
N LEU A 30 14.07 -5.79 -17.22
CA LEU A 30 12.87 -5.28 -17.85
C LEU A 30 12.94 -3.77 -17.99
N THR A 31 13.33 -3.08 -16.91
CA THR A 31 13.34 -1.60 -17.01
C THR A 31 14.71 -1.04 -17.31
N GLY A 32 15.78 -1.82 -17.10
CA GLY A 32 17.14 -1.32 -17.36
C GLY A 32 17.79 -0.74 -16.10
N GLU A 33 17.03 -0.52 -15.05
CA GLU A 33 17.54 0.12 -13.84
C GLU A 33 18.74 -0.64 -13.32
N VAL A 34 19.78 0.09 -13.00
CA VAL A 34 20.98 -0.45 -12.34
C VAL A 34 20.78 -0.32 -10.83
N VAL A 35 20.93 -1.44 -10.13
CA VAL A 35 20.69 -1.38 -8.69
C VAL A 35 21.86 -1.96 -7.89
N ALA A 36 21.83 -1.86 -6.53
CA ALA A 36 22.83 -2.58 -5.77
C ALA A 36 21.97 -3.68 -5.10
N LEU A 37 22.36 -4.94 -5.11
CA LEU A 37 21.60 -5.98 -4.46
C LEU A 37 22.41 -6.49 -3.23
N LYS A 38 21.84 -6.49 -2.05
CA LYS A 38 22.58 -6.95 -0.90
C LYS A 38 22.06 -8.36 -0.65
N LYS A 39 22.85 -9.42 -0.85
CA LYS A 39 22.31 -10.76 -0.60
C LYS A 39 22.66 -11.29 0.78
N ILE A 40 21.71 -11.91 1.46
CA ILE A 40 21.87 -12.52 2.76
C ILE A 40 21.35 -13.95 2.67
N ARG A 41 22.22 -14.90 2.94
CA ARG A 41 21.83 -16.31 2.88
C ARG A 41 21.17 -16.62 4.24
N LEU A 42 19.99 -17.22 4.23
CA LEU A 42 19.35 -17.47 5.51
C LEU A 42 19.44 -18.89 6.00
N ASP A 43 19.14 -19.82 5.11
CA ASP A 43 18.94 -21.25 5.37
C ASP A 43 17.49 -21.50 5.79
N THR A 44 17.24 -21.92 6.99
CA THR A 44 16.09 -22.17 7.79
C THR A 44 16.78 -22.67 9.07
N GLU A 45 16.57 -23.81 9.69
CA GLU A 45 17.44 -24.21 10.81
C GLU A 45 18.71 -23.33 10.77
N THR A 46 18.51 -22.25 11.53
CA THR A 46 19.33 -21.14 11.85
C THR A 46 18.38 -20.15 12.55
N GLU A 47 18.46 -18.87 12.17
CA GLU A 47 17.72 -17.98 13.07
C GLU A 47 16.69 -17.16 12.38
N GLY A 48 16.35 -17.49 11.15
CA GLY A 48 15.38 -16.58 10.52
C GLY A 48 16.10 -15.35 10.02
N VAL A 49 15.31 -14.29 9.83
CA VAL A 49 15.90 -13.04 9.33
C VAL A 49 16.77 -12.44 10.41
N PRO A 50 18.04 -12.14 10.13
CA PRO A 50 18.93 -11.56 11.14
C PRO A 50 18.44 -10.19 11.49
N SER A 51 18.77 -9.82 12.67
CA SER A 51 18.48 -8.54 13.27
C SER A 51 19.03 -7.40 12.49
N THR A 52 20.21 -7.45 11.86
CA THR A 52 20.70 -6.36 11.06
C THR A 52 19.77 -6.12 9.87
N ALA A 53 19.27 -7.18 9.22
CA ALA A 53 18.41 -6.86 8.01
C ALA A 53 17.11 -6.30 8.52
N ILE A 54 16.53 -6.87 9.60
CA ILE A 54 15.26 -6.35 10.11
C ILE A 54 15.43 -4.88 10.41
N ARG A 55 16.43 -4.48 11.24
CA ARG A 55 16.66 -3.04 11.44
C ARG A 55 16.92 -2.24 10.20
N GLU A 56 17.84 -2.71 9.33
CA GLU A 56 18.13 -1.87 8.16
C GLU A 56 16.88 -1.63 7.31
N ILE A 57 15.99 -2.57 7.10
CA ILE A 57 14.84 -2.37 6.21
C ILE A 57 13.82 -1.49 6.93
N SER A 58 13.46 -1.88 8.16
CA SER A 58 12.49 -1.12 8.91
C SER A 58 12.93 0.32 9.05
N LEU A 59 14.18 0.59 9.45
CA LEU A 59 14.58 1.99 9.61
C LEU A 59 14.75 2.70 8.29
N LEU A 60 15.28 2.06 7.26
CA LEU A 60 15.41 2.86 6.03
C LEU A 60 14.01 3.21 5.48
N LYS A 61 12.98 2.37 5.76
CA LYS A 61 11.66 2.79 5.29
C LYS A 61 11.19 3.98 6.12
N GLU A 62 11.75 4.32 7.29
CA GLU A 62 11.30 5.56 7.94
C GLU A 62 12.23 6.73 7.58
N LEU A 63 13.09 6.60 6.57
CA LEU A 63 14.14 7.62 6.36
C LEU A 63 14.11 8.02 4.92
N ASN A 64 13.16 8.86 4.50
CA ASN A 64 13.08 9.21 3.07
C ASN A 64 13.77 10.55 2.99
N HIS A 65 14.96 10.71 2.40
CA HIS A 65 15.58 12.05 2.54
C HIS A 65 16.55 12.16 1.41
N PRO A 66 16.80 13.31 0.86
CA PRO A 66 17.73 13.35 -0.28
C PRO A 66 19.12 12.85 0.06
N ASN A 67 19.66 12.71 1.26
CA ASN A 67 21.06 12.30 1.53
C ASN A 67 21.17 10.96 2.19
N ILE A 68 20.08 10.16 1.97
CA ILE A 68 20.02 8.85 2.56
C ILE A 68 19.71 7.94 1.36
N VAL A 69 20.38 6.81 1.22
CA VAL A 69 20.15 5.93 0.09
C VAL A 69 18.73 5.37 0.04
N LYS A 70 18.20 5.11 -1.16
CA LYS A 70 16.84 4.54 -1.29
C LYS A 70 16.82 3.03 -1.30
N LEU A 71 15.97 2.45 -0.45
CA LEU A 71 15.72 1.04 -0.54
C LEU A 71 14.54 0.90 -1.54
N LEU A 72 14.65 0.13 -2.60
CA LEU A 72 13.66 0.02 -3.64
C LEU A 72 12.81 -1.24 -3.49
N ASP A 73 13.31 -2.31 -2.93
CA ASP A 73 12.57 -3.53 -2.84
C ASP A 73 13.20 -4.53 -1.90
N VAL A 74 12.46 -5.48 -1.43
CA VAL A 74 12.91 -6.52 -0.53
C VAL A 74 12.42 -7.82 -1.11
N ILE A 75 13.26 -8.77 -1.45
CA ILE A 75 12.74 -10.04 -2.03
C ILE A 75 13.17 -11.13 -1.08
N HIS A 76 12.23 -11.65 -0.35
CA HIS A 76 12.40 -12.54 0.78
C HIS A 76 12.08 -13.97 0.44
N THR A 77 12.94 -14.60 -0.33
CA THR A 77 12.80 -16.03 -0.64
C THR A 77 12.79 -16.86 0.64
N GLU A 78 12.77 -18.19 0.46
CA GLU A 78 12.75 -19.11 1.62
C GLU A 78 14.15 -19.32 2.20
N ASN A 79 15.09 -19.40 1.30
CA ASN A 79 16.51 -19.57 1.25
C ASN A 79 17.40 -18.33 1.46
N LYS A 80 17.09 -17.21 0.82
CA LYS A 80 17.78 -15.96 0.82
C LYS A 80 16.87 -14.73 0.94
N LEU A 81 17.53 -13.65 1.38
CA LEU A 81 16.89 -12.33 1.46
C LEU A 81 17.66 -11.37 0.59
N TYR A 82 16.99 -10.64 -0.30
CA TYR A 82 17.73 -9.63 -1.10
C TYR A 82 17.19 -8.24 -0.77
N LEU A 83 17.98 -7.23 -0.51
CA LEU A 83 17.62 -5.87 -0.32
C LEU A 83 18.07 -5.22 -1.63
N VAL A 84 17.20 -4.49 -2.32
CA VAL A 84 17.51 -3.88 -3.60
C VAL A 84 17.61 -2.40 -3.42
N PHE A 85 18.75 -1.77 -3.68
CA PHE A 85 18.94 -0.38 -3.47
C PHE A 85 19.24 0.31 -4.80
N GLU A 86 19.01 1.58 -4.92
CA GLU A 86 19.42 2.39 -6.04
C GLU A 86 20.96 2.23 -6.06
N PHE A 87 21.52 2.43 -7.25
CA PHE A 87 22.95 2.29 -7.46
C PHE A 87 23.53 3.67 -7.69
N LEU A 88 24.54 4.04 -6.88
CA LEU A 88 25.07 5.37 -7.17
C LEU A 88 26.40 5.24 -7.92
N HIS A 89 26.96 6.31 -8.39
CA HIS A 89 28.22 6.16 -9.16
C HIS A 89 29.31 5.49 -8.40
N GLN A 90 29.62 5.84 -7.13
CA GLN A 90 30.62 5.10 -6.36
C GLN A 90 30.57 5.52 -4.90
N ASP A 91 31.29 4.85 -4.07
CA ASP A 91 31.38 5.19 -2.65
C ASP A 91 32.52 6.16 -2.45
N LEU A 92 32.42 6.99 -1.41
CA LEU A 92 33.39 7.99 -1.05
C LEU A 92 34.80 7.41 -0.87
N LYS A 93 34.98 6.17 -0.50
CA LYS A 93 36.25 5.54 -0.33
C LYS A 93 37.01 5.46 -1.67
N LYS A 94 36.47 4.78 -2.69
CA LYS A 94 37.08 4.78 -4.00
C LYS A 94 37.26 6.21 -4.46
N PHE A 95 36.35 7.14 -4.23
CA PHE A 95 36.59 8.52 -4.60
C PHE A 95 37.80 9.11 -3.83
N MET A 96 37.99 8.80 -2.56
CA MET A 96 39.12 9.40 -1.80
C MET A 96 40.46 8.80 -2.32
N ASP A 97 40.47 7.51 -2.69
CA ASP A 97 41.51 6.84 -3.36
C ASP A 97 41.51 7.28 -4.84
N ALA A 98 40.46 7.92 -5.39
CA ALA A 98 40.02 8.58 -6.59
C ALA A 98 39.85 10.24 -6.53
N SER A 99 41.03 10.51 -5.66
CA SER A 99 41.70 11.73 -5.34
C SER A 99 42.94 11.84 -4.42
N ALA A 100 43.68 10.83 -3.97
CA ALA A 100 44.75 10.87 -3.02
C ALA A 100 46.00 11.70 -3.34
N LEU A 101 46.47 11.69 -4.58
CA LEU A 101 47.58 12.57 -5.00
C LEU A 101 47.13 13.98 -5.25
N THR A 102 45.93 14.26 -5.72
CA THR A 102 45.48 15.64 -5.96
C THR A 102 44.70 16.22 -4.80
N GLY A 103 43.82 15.37 -4.16
CA GLY A 103 43.00 16.02 -3.12
C GLY A 103 41.67 16.54 -3.71
N ILE A 104 40.57 16.25 -3.01
CA ILE A 104 39.24 16.68 -3.32
C ILE A 104 39.22 18.17 -3.05
N PRO A 105 38.77 19.00 -3.95
CA PRO A 105 38.75 20.43 -3.73
C PRO A 105 37.95 20.78 -2.50
N LEU A 106 38.30 21.90 -1.87
CA LEU A 106 37.60 22.32 -0.67
C LEU A 106 36.13 22.56 -0.85
N PRO A 107 35.63 23.20 -1.88
CA PRO A 107 34.23 23.48 -2.08
C PRO A 107 33.43 22.18 -2.13
N LEU A 108 33.97 21.14 -2.75
CA LEU A 108 33.33 19.85 -2.83
C LEU A 108 33.22 19.27 -1.41
N ILE A 109 34.35 19.29 -0.68
CA ILE A 109 34.44 18.87 0.67
C ILE A 109 33.34 19.52 1.48
N LYS A 110 33.27 20.82 1.41
CA LYS A 110 32.26 21.49 2.25
C LYS A 110 30.82 21.12 1.90
N SER A 111 30.62 20.89 0.59
CA SER A 111 29.32 20.50 0.07
C SER A 111 28.94 19.12 0.56
N TYR A 112 29.87 18.15 0.42
CA TYR A 112 29.58 16.83 0.92
C TYR A 112 29.30 16.84 2.44
N LEU A 113 30.05 17.68 3.20
CA LEU A 113 29.98 17.66 4.62
C LEU A 113 28.62 18.28 4.95
N PHE A 114 28.28 19.40 4.38
CA PHE A 114 26.98 20.01 4.69
C PHE A 114 25.83 18.96 4.39
N GLN A 115 25.92 18.16 3.34
CA GLN A 115 24.90 17.18 2.95
C GLN A 115 24.83 16.01 3.91
N LEU A 116 26.01 15.45 4.30
CA LEU A 116 26.13 14.36 5.23
C LEU A 116 25.53 14.88 6.53
N LEU A 117 25.78 16.11 7.00
CA LEU A 117 25.10 16.54 8.22
C LEU A 117 23.57 16.64 8.06
N GLN A 118 23.06 17.06 6.92
CA GLN A 118 21.59 17.22 6.75
C GLN A 118 21.02 15.82 6.75
N GLY A 119 21.72 14.80 6.19
CA GLY A 119 21.26 13.44 6.22
C GLY A 119 21.24 12.90 7.64
N LEU A 120 22.35 13.16 8.40
CA LEU A 120 22.51 12.61 9.70
C LEU A 120 21.55 13.25 10.68
N ALA A 121 21.32 14.55 10.55
CA ALA A 121 20.39 15.21 11.49
C ALA A 121 18.97 14.65 11.24
N PHE A 122 18.70 14.32 9.97
CA PHE A 122 17.37 13.75 9.69
C PHE A 122 17.25 12.40 10.41
N CYS A 123 18.31 11.58 10.27
CA CYS A 123 18.33 10.31 10.99
C CYS A 123 18.14 10.51 12.50
N HIS A 124 18.87 11.50 13.04
CA HIS A 124 18.81 11.62 14.50
C HIS A 124 17.44 12.14 14.96
N SER A 125 16.87 13.04 14.17
CA SER A 125 15.56 13.56 14.51
C SER A 125 14.53 12.44 14.27
N HIS A 126 14.86 11.34 13.59
CA HIS A 126 13.92 10.21 13.52
C HIS A 126 14.39 9.06 14.41
N ARG A 127 15.12 9.36 15.50
CA ARG A 127 15.63 8.44 16.49
C ARG A 127 16.39 7.27 15.88
N VAL A 128 17.21 7.48 14.83
CA VAL A 128 18.02 6.37 14.30
C VAL A 128 19.53 6.71 14.47
N LEU A 129 20.29 5.84 15.13
CA LEU A 129 21.73 6.00 15.21
C LEU A 129 22.33 5.21 14.02
N HIS A 130 23.25 5.74 13.25
CA HIS A 130 23.79 4.92 12.14
C HIS A 130 24.77 3.93 12.69
N ARG A 131 25.81 4.43 13.46
CA ARG A 131 26.80 3.54 14.11
C ARG A 131 27.81 2.86 13.20
N ASP A 132 27.97 3.27 11.94
CA ASP A 132 29.03 2.75 11.10
C ASP A 132 29.38 3.78 10.03
N LEU A 133 29.39 5.05 10.35
CA LEU A 133 29.73 6.02 9.32
C LEU A 133 31.23 5.93 8.96
N LYS A 134 31.55 5.70 7.72
CA LYS A 134 32.93 5.62 7.18
C LYS A 134 32.78 5.76 5.66
N PRO A 135 33.83 6.18 4.96
CA PRO A 135 33.85 6.50 3.58
C PRO A 135 33.22 5.46 2.67
N GLN A 136 33.43 4.17 2.83
CA GLN A 136 32.87 3.12 2.07
C GLN A 136 31.31 3.07 2.22
N ASN A 137 30.69 3.60 3.27
CA ASN A 137 29.27 3.56 3.47
C ASN A 137 28.67 4.89 3.06
N LEU A 138 29.34 5.77 2.37
CA LEU A 138 28.84 7.04 1.90
C LEU A 138 28.99 7.00 0.36
N LEU A 139 27.97 7.31 -0.43
CA LEU A 139 27.84 7.12 -1.88
C LEU A 139 27.55 8.44 -2.52
N ILE A 140 28.27 8.69 -3.58
CA ILE A 140 28.17 9.96 -4.31
C ILE A 140 27.68 9.68 -5.74
N ASN A 141 26.97 10.65 -6.24
CA ASN A 141 26.51 10.50 -7.64
C ASN A 141 27.37 11.44 -8.50
N THR A 142 27.07 11.52 -9.79
CA THR A 142 27.87 12.41 -10.66
C THR A 142 27.29 13.78 -10.59
N GLU A 143 26.20 14.10 -9.89
CA GLU A 143 25.78 15.52 -9.90
C GLU A 143 26.23 16.26 -8.68
N GLY A 144 26.93 15.68 -7.71
CA GLY A 144 27.30 16.47 -6.56
C GLY A 144 26.61 16.06 -5.25
N ALA A 145 25.72 15.04 -5.29
CA ALA A 145 25.04 14.63 -4.04
C ALA A 145 25.90 13.59 -3.39
N ILE A 146 25.75 13.46 -2.07
CA ILE A 146 26.35 12.35 -1.36
C ILE A 146 25.28 11.78 -0.43
N LYS A 147 25.25 10.46 -0.21
CA LYS A 147 24.24 9.85 0.60
C LYS A 147 24.76 8.88 1.66
N LEU A 148 24.15 8.90 2.84
CA LEU A 148 24.40 7.85 3.81
C LEU A 148 23.85 6.50 3.33
N ALA A 149 24.62 5.47 3.49
CA ALA A 149 24.16 4.13 3.10
C ALA A 149 24.59 3.13 4.16
N ASP A 150 24.31 1.87 4.01
CA ASP A 150 24.53 0.72 4.79
C ASP A 150 24.09 0.91 6.25
N PHE A 151 22.85 0.67 6.54
CA PHE A 151 22.18 0.86 7.82
C PHE A 151 22.11 -0.45 8.57
N GLY A 152 22.88 -1.44 8.11
CA GLY A 152 22.97 -2.71 8.78
C GLY A 152 23.39 -2.59 10.26
N LEU A 153 24.16 -1.58 10.72
CA LEU A 153 24.46 -1.53 12.14
C LEU A 153 23.64 -0.49 12.88
N ALA A 154 22.64 0.03 12.15
CA ALA A 154 21.82 1.05 12.78
C ALA A 154 20.87 0.53 13.85
N ARG A 155 20.31 1.49 14.63
CA ARG A 155 19.29 1.11 15.59
C ARG A 155 18.42 2.29 15.92
N ALA A 156 17.25 2.00 16.36
CA ALA A 156 16.35 3.02 16.90
C ALA A 156 16.70 3.32 18.33
N PHE A 157 16.95 4.54 18.73
CA PHE A 157 17.34 4.80 20.12
C PHE A 157 16.17 5.36 20.88
N GLY A 158 16.22 5.28 22.19
CA GLY A 158 15.11 5.82 22.99
C GLY A 158 15.47 7.16 23.58
N VAL A 159 14.50 7.83 24.21
CA VAL A 159 14.68 9.13 24.88
C VAL A 159 14.42 8.76 26.33
N PRO A 160 15.29 9.09 27.26
CA PRO A 160 16.71 8.97 27.28
C PRO A 160 17.19 7.62 26.79
N VAL A 161 18.43 7.44 26.35
CA VAL A 161 18.89 6.16 25.84
C VAL A 161 19.09 5.12 26.95
N ARG A 162 19.20 3.83 26.64
CA ARG A 162 19.65 2.81 27.60
C ARG A 162 21.01 2.32 27.02
N THR A 163 21.49 1.20 27.50
CA THR A 163 22.70 0.59 27.02
C THR A 163 22.49 -0.15 25.72
N TYR A 164 23.35 0.15 24.74
CA TYR A 164 23.25 -0.48 23.42
C TYR A 164 24.41 -1.40 23.17
N TPO A 165 24.44 -2.10 22.03
CA TPO A 165 25.57 -3.01 21.74
CB TPO A 165 25.43 -3.56 20.31
CG2 TPO A 165 26.48 -4.62 19.88
OG1 TPO A 165 24.12 -4.16 20.22
P TPO A 165 22.89 -3.58 19.43
O1P TPO A 165 22.49 -2.23 20.01
O2P TPO A 165 23.24 -3.46 17.90
O3P TPO A 165 21.67 -4.57 19.61
C TPO A 165 26.91 -2.26 21.87
O TPO A 165 27.06 -1.18 21.30
N HIS A 166 27.89 -2.90 22.49
CA HIS A 166 29.18 -2.21 22.69
C HIS A 166 30.02 -2.28 21.46
N GLU A 167 30.04 -3.34 20.69
CA GLU A 167 30.83 -3.57 19.50
C GLU A 167 30.30 -2.80 18.30
N VAL A 168 30.53 -1.50 18.26
CA VAL A 168 29.90 -0.72 17.14
C VAL A 168 30.94 0.29 16.68
N VAL A 169 30.81 0.71 15.46
CA VAL A 169 31.56 1.60 14.62
C VAL A 169 32.89 0.98 14.24
N THR A 170 33.21 0.94 13.00
CA THR A 170 34.52 0.49 12.52
C THR A 170 35.64 1.22 13.27
N LEU A 171 36.65 0.53 13.76
CA LEU A 171 37.61 1.21 14.67
C LEU A 171 38.21 2.53 14.33
N TRP A 172 38.58 2.96 13.13
CA TRP A 172 39.08 4.24 12.81
C TRP A 172 38.14 5.39 13.07
N TYR A 173 36.82 5.06 13.02
CA TYR A 173 35.81 6.14 13.12
C TYR A 173 35.16 6.13 14.47
N ARG A 174 35.65 5.21 15.34
CA ARG A 174 35.09 4.97 16.65
C ARG A 174 35.34 6.02 17.71
N ALA A 175 34.29 6.56 18.34
CA ALA A 175 34.41 7.62 19.34
C ALA A 175 35.01 7.15 20.68
N PRO A 176 35.62 8.11 21.37
CA PRO A 176 36.32 7.79 22.63
C PRO A 176 35.42 7.30 23.74
N GLU A 177 34.16 7.71 23.84
CA GLU A 177 33.27 7.18 24.85
C GLU A 177 33.01 5.69 24.61
N ILE A 178 32.99 5.19 23.35
CA ILE A 178 32.86 3.68 23.24
C ILE A 178 34.15 3.00 23.61
N LEU A 179 35.26 3.56 23.10
CA LEU A 179 36.61 3.01 23.35
C LEU A 179 36.86 2.94 24.84
N LEU A 180 36.51 3.92 25.66
CA LEU A 180 36.68 3.86 27.10
C LEU A 180 35.58 3.10 27.86
N GLY A 181 34.64 2.48 27.19
CA GLY A 181 33.58 1.73 27.87
C GLY A 181 32.44 2.50 28.47
N CYS A 182 32.06 3.71 28.09
CA CYS A 182 30.93 4.40 28.70
C CYS A 182 29.74 3.44 28.68
N LYS A 183 28.94 3.48 29.74
CA LYS A 183 27.79 2.58 29.64
C LYS A 183 26.91 3.04 28.45
N TYR A 184 26.59 4.33 28.39
CA TYR A 184 25.70 4.89 27.42
C TYR A 184 26.52 5.60 26.33
N TYR A 185 25.94 5.64 25.19
CA TYR A 185 26.39 6.44 24.06
C TYR A 185 25.13 6.79 23.25
N SER A 186 25.22 7.84 22.46
CA SER A 186 24.10 8.25 21.66
C SER A 186 24.55 8.99 20.42
N THR A 187 23.78 9.94 19.88
CA THR A 187 24.02 10.57 18.61
C THR A 187 25.41 11.13 18.44
N ALA A 188 26.13 11.44 19.56
CA ALA A 188 27.42 12.01 19.46
C ALA A 188 28.38 11.07 18.75
N VAL A 189 28.20 9.76 18.85
CA VAL A 189 29.16 8.89 18.19
C VAL A 189 29.12 9.06 16.68
N ASP A 190 27.93 9.35 16.08
CA ASP A 190 27.92 9.51 14.63
C ASP A 190 28.68 10.76 14.25
N ILE A 191 28.44 11.81 15.04
CA ILE A 191 29.15 13.07 14.74
C ILE A 191 30.69 12.93 14.79
N TRP A 192 31.21 12.20 15.79
CA TRP A 192 32.64 11.90 15.89
C TRP A 192 33.12 11.22 14.59
N SER A 193 32.31 10.23 14.12
CA SER A 193 32.68 9.57 12.85
C SER A 193 32.74 10.53 11.66
N LEU A 194 31.83 11.51 11.58
CA LEU A 194 31.81 12.49 10.52
C LEU A 194 33.03 13.48 10.68
N GLY A 195 33.35 13.90 11.90
CA GLY A 195 34.56 14.74 12.04
C GLY A 195 35.80 13.98 11.52
N CYS A 196 35.95 12.71 11.73
CA CYS A 196 37.05 11.91 11.23
C CYS A 196 37.02 11.86 9.68
N ILE A 197 35.84 11.73 9.11
CA ILE A 197 35.71 11.74 7.65
C ILE A 197 36.04 13.10 7.07
N PHE A 198 35.59 14.19 7.61
CA PHE A 198 35.84 15.56 7.14
C PHE A 198 37.35 15.78 7.11
N ALA A 199 38.02 15.46 8.24
CA ALA A 199 39.48 15.60 8.27
C ALA A 199 40.18 14.69 7.23
N GLU A 200 39.68 13.47 7.03
CA GLU A 200 40.27 12.58 6.03
C GLU A 200 40.10 13.12 4.60
N MET A 201 38.98 13.78 4.30
CA MET A 201 38.82 14.36 3.00
C MET A 201 39.91 15.42 2.85
N VAL A 202 40.02 16.32 3.86
CA VAL A 202 40.94 17.40 3.72
C VAL A 202 42.42 17.02 3.60
N THR A 203 42.92 16.12 4.40
CA THR A 203 44.33 15.86 4.47
C THR A 203 44.73 14.63 3.69
N ARG A 204 43.76 13.91 3.12
CA ARG A 204 44.08 12.81 2.23
C ARG A 204 44.46 11.49 2.85
N ARG A 205 44.28 11.36 4.17
CA ARG A 205 44.55 10.04 4.77
C ARG A 205 43.69 9.90 6.01
N ALA A 206 43.51 8.72 6.52
CA ALA A 206 42.66 8.58 7.72
C ALA A 206 43.22 9.41 8.86
N LEU A 207 42.39 10.04 9.67
CA LEU A 207 42.92 10.85 10.77
C LEU A 207 43.56 10.02 11.87
N PHE A 208 42.94 8.93 12.24
CA PHE A 208 43.23 8.05 13.36
C PHE A 208 43.09 6.62 12.92
N PRO A 209 44.06 6.17 12.14
CA PRO A 209 44.06 4.83 11.54
C PRO A 209 44.65 3.86 12.52
N GLY A 210 43.90 3.75 13.63
CA GLY A 210 44.42 2.97 14.72
C GLY A 210 44.41 1.52 14.30
N ASP A 211 45.43 0.90 14.93
CA ASP A 211 45.25 -0.50 14.54
C ASP A 211 44.28 -0.61 15.68
N SER A 212 44.50 -1.15 16.86
CA SER A 212 43.68 -1.76 17.85
C SER A 212 43.03 -0.75 18.75
N GLU A 213 42.26 -1.24 19.73
CA GLU A 213 41.61 -0.29 20.61
C GLU A 213 42.57 0.59 21.34
N ILE A 214 43.60 0.01 21.96
CA ILE A 214 44.58 0.85 22.66
C ILE A 214 45.32 1.75 21.72
N ASP A 215 45.64 1.34 20.52
CA ASP A 215 46.32 2.09 19.47
C ASP A 215 45.42 3.21 18.97
N GLN A 216 44.09 2.87 18.98
CA GLN A 216 43.14 3.91 18.47
C GLN A 216 43.02 5.00 19.52
N LEU A 217 42.96 4.56 20.77
CA LEU A 217 42.88 5.64 21.80
C LEU A 217 44.10 6.52 21.78
N PHE A 218 45.27 5.84 21.82
CA PHE A 218 46.57 6.66 21.91
C PHE A 218 46.80 7.44 20.64
N ARG A 219 46.24 7.02 19.49
CA ARG A 219 46.31 7.92 18.32
C ARG A 219 45.40 9.13 18.53
N ILE A 220 44.23 8.99 19.20
CA ILE A 220 43.38 10.18 19.38
C ILE A 220 44.09 11.01 20.46
N PHE A 221 44.56 10.38 21.53
CA PHE A 221 45.29 11.20 22.56
C PHE A 221 46.44 12.02 22.02
N ARG A 222 47.26 11.45 21.07
CA ARG A 222 48.40 12.30 20.62
C ARG A 222 48.06 13.50 19.80
N THR A 223 46.94 13.39 19.04
CA THR A 223 46.58 14.54 18.20
C THR A 223 45.78 15.51 19.04
N LEU A 224 44.79 15.03 19.81
CA LEU A 224 43.91 15.94 20.56
C LEU A 224 44.23 16.17 22.04
N GLY A 225 45.29 15.60 22.60
CA GLY A 225 45.64 15.84 24.00
C GLY A 225 44.97 14.73 24.82
N THR A 226 45.64 14.17 25.84
CA THR A 226 44.97 13.11 26.63
C THR A 226 43.87 13.78 27.41
N PRO A 227 42.63 13.35 27.27
CA PRO A 227 41.54 14.05 27.96
C PRO A 227 41.79 14.02 29.47
N ASP A 228 41.38 15.02 30.20
CA ASP A 228 41.47 15.02 31.67
C ASP A 228 40.12 15.61 32.08
N GLU A 229 39.99 15.87 33.36
CA GLU A 229 38.81 16.31 34.04
C GLU A 229 38.45 17.74 33.65
N VAL A 230 39.36 18.54 33.13
CA VAL A 230 38.96 19.90 32.70
C VAL A 230 38.14 19.86 31.41
N VAL A 231 38.49 19.06 30.43
CA VAL A 231 37.82 18.96 29.11
C VAL A 231 36.71 17.94 29.15
N TRP A 232 36.78 16.95 30.07
CA TRP A 232 35.77 15.90 30.08
C TRP A 232 35.51 15.39 31.49
N PRO A 233 34.72 16.12 32.24
CA PRO A 233 34.39 15.73 33.60
C PRO A 233 33.96 14.28 33.60
N GLY A 234 34.55 13.50 34.48
CA GLY A 234 34.27 12.09 34.68
C GLY A 234 35.09 11.21 33.76
N VAL A 235 35.96 11.68 32.85
CA VAL A 235 36.65 10.71 32.03
C VAL A 235 37.51 9.83 32.97
N THR A 236 38.13 10.46 33.99
CA THR A 236 39.06 9.71 34.83
C THR A 236 38.36 8.63 35.67
N SER A 237 37.03 8.51 35.65
CA SER A 237 36.28 7.50 36.34
C SER A 237 35.69 6.50 35.35
N MET A 238 36.04 6.63 34.10
CA MET A 238 35.36 5.69 33.16
C MET A 238 35.84 4.29 33.25
N PRO A 239 35.01 3.35 32.75
CA PRO A 239 35.30 1.92 32.93
C PRO A 239 36.70 1.56 32.52
N ASP A 240 37.16 1.87 31.32
CA ASP A 240 38.46 1.55 30.78
C ASP A 240 39.47 2.67 30.76
N TYR A 241 39.25 3.75 31.48
CA TYR A 241 40.24 4.79 31.63
C TYR A 241 41.32 4.25 32.59
N LYS A 242 42.59 4.57 32.35
CA LYS A 242 43.68 4.16 33.26
C LYS A 242 44.49 5.38 33.64
N PRO A 243 44.67 5.59 34.96
CA PRO A 243 45.49 6.70 35.45
C PRO A 243 46.89 6.63 34.88
N SER A 244 47.44 5.46 34.50
CA SER A 244 48.74 5.45 33.89
C SER A 244 48.71 5.82 32.39
N PHE A 245 47.66 6.36 31.80
CA PHE A 245 47.74 6.79 30.40
C PHE A 245 48.80 7.83 30.27
N PRO A 246 49.58 7.89 29.18
CA PRO A 246 50.50 8.98 28.91
C PRO A 246 49.72 10.28 28.79
N LYS A 247 50.29 11.40 29.18
CA LYS A 247 49.68 12.69 29.08
C LYS A 247 50.29 13.47 27.90
N TRP A 248 49.63 13.40 26.72
CA TRP A 248 50.14 14.16 25.60
C TRP A 248 49.39 15.48 25.58
N ALA A 249 50.00 16.50 25.03
CA ALA A 249 49.55 17.83 24.80
C ALA A 249 48.79 17.80 23.49
N ARG A 250 47.81 18.66 23.31
CA ARG A 250 46.98 18.74 22.12
C ARG A 250 47.76 19.43 21.00
N GLN A 251 47.64 19.00 19.78
CA GLN A 251 48.25 19.65 18.63
C GLN A 251 47.49 20.81 18.05
N ASP A 252 48.24 21.75 17.44
CA ASP A 252 47.49 22.85 16.79
C ASP A 252 46.85 22.22 15.56
N PHE A 253 45.66 22.65 15.24
CA PHE A 253 44.91 22.22 14.06
C PHE A 253 45.44 22.87 12.79
N SER A 254 46.28 23.93 12.97
CA SER A 254 46.93 24.42 11.73
C SER A 254 47.88 23.30 11.33
N LYS A 255 48.31 22.40 12.23
CA LYS A 255 49.15 21.29 11.78
C LYS A 255 48.30 20.06 11.49
N VAL A 256 47.21 19.85 12.24
CA VAL A 256 46.41 18.64 11.94
C VAL A 256 45.75 18.68 10.58
N VAL A 257 45.19 19.82 10.21
CA VAL A 257 44.49 19.94 8.92
C VAL A 257 44.89 21.23 8.23
N PRO A 258 46.10 21.27 7.64
CA PRO A 258 46.66 22.53 7.13
C PRO A 258 45.81 23.29 6.15
N PRO A 259 45.11 22.67 5.22
CA PRO A 259 44.35 23.38 4.24
C PRO A 259 43.19 24.14 4.78
N LEU A 260 42.65 23.85 5.97
CA LEU A 260 41.50 24.55 6.45
C LEU A 260 41.75 25.95 6.97
N ASP A 261 40.76 26.75 6.68
CA ASP A 261 40.62 28.11 7.17
C ASP A 261 40.23 27.91 8.63
N GLU A 262 40.03 28.98 9.32
CA GLU A 262 39.62 28.94 10.70
C GLU A 262 38.18 28.61 11.04
N ASP A 263 37.30 28.78 10.05
CA ASP A 263 35.90 28.39 10.20
C ASP A 263 35.94 26.87 10.19
N GLY A 264 36.75 26.30 9.30
CA GLY A 264 36.84 24.86 9.22
C GLY A 264 37.44 24.24 10.47
N ARG A 265 38.57 24.89 10.97
CA ARG A 265 39.20 24.32 12.17
C ARG A 265 38.22 24.37 13.31
N SER A 266 37.48 25.49 13.51
CA SER A 266 36.55 25.56 14.64
C SER A 266 35.44 24.48 14.59
N LEU A 267 34.92 24.15 13.39
CA LEU A 267 33.85 23.17 13.26
C LEU A 267 34.46 21.77 13.41
N LEU A 268 35.66 21.57 12.80
CA LEU A 268 36.27 20.25 13.07
C LEU A 268 36.55 20.09 14.57
N SER A 269 36.95 21.13 15.28
CA SER A 269 37.18 20.96 16.70
C SER A 269 35.87 20.73 17.46
N GLN A 270 34.76 21.30 16.99
CA GLN A 270 33.47 21.07 17.70
C GLN A 270 32.93 19.69 17.48
N MET A 271 33.19 19.06 16.35
CA MET A 271 32.84 17.69 16.10
C MET A 271 33.71 16.65 16.79
N LEU A 272 34.97 17.02 17.12
CA LEU A 272 35.81 16.07 17.84
C LEU A 272 35.91 16.49 19.29
N HIS A 273 35.02 17.27 19.90
CA HIS A 273 35.21 17.42 21.36
C HIS A 273 35.20 16.04 22.03
N TYR A 274 35.94 15.92 23.13
CA TYR A 274 35.92 14.66 23.86
C TYR A 274 34.63 14.39 24.58
N ASP A 275 34.09 15.31 25.33
CA ASP A 275 32.85 15.18 26.05
C ASP A 275 31.65 15.15 25.10
N PRO A 276 30.92 14.06 24.93
CA PRO A 276 29.76 13.93 24.05
C PRO A 276 28.73 15.01 24.39
N ASN A 277 28.59 15.51 25.61
CA ASN A 277 27.72 16.63 25.89
C ASN A 277 28.26 17.93 25.38
N LYS A 278 29.53 18.07 25.02
CA LYS A 278 29.96 19.30 24.39
C LYS A 278 30.06 19.02 22.88
N ARG A 279 30.10 17.83 22.35
CA ARG A 279 30.32 17.66 20.89
C ARG A 279 29.11 18.27 20.16
N ILE A 280 29.29 18.98 19.08
CA ILE A 280 28.27 19.64 18.33
C ILE A 280 27.29 18.62 17.68
N SER A 281 25.98 18.92 17.73
CA SER A 281 25.01 18.07 17.02
C SER A 281 25.06 18.40 15.54
N ALA A 282 24.51 17.49 14.74
CA ALA A 282 24.44 17.66 13.30
C ALA A 282 23.60 18.88 12.96
N LYS A 283 22.53 19.06 13.70
CA LYS A 283 21.67 20.24 13.46
C LYS A 283 22.34 21.54 13.84
N ALA A 284 23.07 21.55 14.97
CA ALA A 284 23.74 22.82 15.32
C ALA A 284 24.84 23.04 14.35
N ALA A 285 25.53 22.05 13.83
CA ALA A 285 26.63 22.12 12.87
C ALA A 285 26.24 22.72 11.54
N LEU A 286 24.94 22.61 11.14
CA LEU A 286 24.43 23.19 9.90
C LEU A 286 24.36 24.71 10.02
N ALA A 287 24.24 25.27 11.20
CA ALA A 287 24.24 26.71 11.42
C ALA A 287 25.67 27.24 11.54
N HIS A 288 26.73 26.44 11.43
CA HIS A 288 28.09 26.93 11.63
C HIS A 288 28.48 27.87 10.51
N PRO A 289 29.26 28.92 10.80
CA PRO A 289 29.73 29.86 9.83
C PRO A 289 30.53 29.20 8.70
N PHE A 290 31.19 28.05 8.91
CA PHE A 290 31.87 27.45 7.76
C PHE A 290 31.01 27.27 6.52
N PHE A 291 29.71 27.02 6.61
CA PHE A 291 28.77 26.66 5.57
C PHE A 291 28.07 27.88 4.98
N GLN A 292 28.31 29.07 5.50
CA GLN A 292 27.75 30.35 5.06
C GLN A 292 27.81 30.52 3.54
N ASP A 293 28.84 30.12 2.83
CA ASP A 293 28.93 30.18 1.40
C ASP A 293 28.90 28.80 0.79
N VAL A 294 28.31 27.77 1.34
CA VAL A 294 28.35 26.45 0.74
C VAL A 294 27.63 26.51 -0.61
N THR A 295 28.11 25.76 -1.57
CA THR A 295 27.56 25.70 -2.89
C THR A 295 27.51 24.21 -3.23
N LYS A 296 27.24 23.79 -4.43
CA LYS A 296 27.22 22.40 -4.82
C LYS A 296 27.95 22.00 -6.10
N PRO A 297 29.26 22.00 -6.07
CA PRO A 297 30.05 21.55 -7.20
C PRO A 297 29.79 20.11 -7.56
N VAL A 298 30.23 19.80 -8.77
CA VAL A 298 30.12 18.50 -9.44
C VAL A 298 31.45 17.79 -9.31
N PRO A 299 31.53 16.55 -8.86
CA PRO A 299 32.79 15.86 -8.70
C PRO A 299 33.46 15.67 -10.04
N HIS A 300 34.76 15.37 -10.09
CA HIS A 300 35.31 15.09 -11.43
C HIS A 300 35.48 13.58 -11.46
N LEU A 301 34.74 12.90 -12.33
CA LEU A 301 34.81 11.43 -12.31
C LEU A 301 35.40 10.85 -13.60
N VAL B 1 17.61 16.98 28.44
CA VAL B 1 18.92 17.38 27.94
C VAL B 1 19.18 16.95 26.54
N PRO B 2 18.69 15.79 26.21
CA PRO B 2 19.02 15.10 24.96
C PRO B 2 18.61 15.86 23.73
N ASP B 3 19.65 16.05 22.93
CA ASP B 3 19.52 16.65 21.64
C ASP B 3 18.36 15.88 20.94
N TYR B 4 17.63 16.48 20.07
CA TYR B 4 16.60 15.72 19.27
C TYR B 4 15.39 15.24 20.07
N HIS B 5 15.32 15.27 21.38
CA HIS B 5 14.14 14.78 22.06
C HIS B 5 12.83 15.41 21.60
N GLU B 6 12.64 16.64 21.25
CA GLU B 6 11.45 17.30 20.80
C GLU B 6 11.17 16.90 19.39
N ASP B 7 12.16 16.87 18.51
CA ASP B 7 11.91 16.41 17.15
C ASP B 7 11.38 14.98 17.21
N ILE B 8 11.96 14.15 18.05
CA ILE B 8 11.66 12.74 18.14
C ILE B 8 10.22 12.60 18.64
N HIS B 9 9.86 13.30 19.72
CA HIS B 9 8.47 13.26 20.17
C HIS B 9 7.51 13.72 19.11
N THR B 10 7.79 14.71 18.25
CA THR B 10 6.93 15.16 17.19
C THR B 10 6.83 14.06 16.16
N TYR B 11 7.96 13.42 15.86
CA TYR B 11 7.93 12.37 14.84
C TYR B 11 7.13 11.15 15.31
N LEU B 12 7.23 10.76 16.58
CA LEU B 12 6.50 9.72 17.26
C LEU B 12 5.01 10.08 17.28
N ARG B 13 4.62 11.33 17.52
CA ARG B 13 3.24 11.75 17.42
C ARG B 13 2.68 11.51 16.05
N GLU B 14 3.49 11.63 15.01
CA GLU B 14 3.03 11.33 13.65
C GLU B 14 3.04 9.87 13.30
N MET B 15 4.00 9.03 13.77
CA MET B 15 4.01 7.63 13.42
C MET B 15 3.00 6.81 14.26
N GLU B 16 2.54 7.28 15.44
CA GLU B 16 1.60 6.43 16.20
C GLU B 16 0.25 6.37 15.47
N VAL B 17 -0.06 7.43 14.76
CA VAL B 17 -1.29 7.48 13.97
C VAL B 17 -1.17 6.60 12.75
N LYS B 18 -0.03 6.46 12.07
CA LYS B 18 0.12 5.53 10.96
C LYS B 18 0.31 4.08 11.39
N CYS B 19 0.78 3.70 12.56
CA CYS B 19 1.17 2.37 13.01
C CYS B 19 0.06 1.76 13.87
N LYS B 20 -1.07 2.44 13.91
CA LYS B 20 -2.17 2.05 14.81
C LYS B 20 -3.02 0.94 14.19
N PRO B 21 -3.29 -0.08 15.01
CA PRO B 21 -4.08 -1.23 14.65
C PRO B 21 -5.51 -0.76 14.28
N LYS B 22 -6.31 -1.58 13.64
CA LYS B 22 -7.69 -1.14 13.32
C LYS B 22 -8.61 -1.41 14.47
N VAL B 23 -9.20 -0.43 15.10
CA VAL B 23 -9.98 -0.57 16.29
C VAL B 23 -11.06 -1.65 16.24
N GLY B 24 -11.84 -2.04 15.25
CA GLY B 24 -12.78 -3.18 15.77
C GLY B 24 -12.36 -4.49 15.14
N TYR B 25 -11.06 -4.84 15.03
CA TYR B 25 -10.74 -6.04 14.25
C TYR B 25 -11.32 -7.29 14.89
N MET B 26 -11.37 -7.32 16.19
CA MET B 26 -11.83 -8.49 16.91
C MET B 26 -13.27 -8.90 16.55
N LYS B 27 -14.15 -7.96 16.29
CA LYS B 27 -15.55 -8.27 15.88
C LYS B 27 -15.53 -8.99 14.55
N LYS B 28 -14.56 -8.78 13.68
CA LYS B 28 -14.40 -9.56 12.45
C LYS B 28 -13.53 -10.78 12.64
N GLN B 29 -12.85 -11.15 13.73
CA GLN B 29 -12.18 -12.44 13.63
C GLN B 29 -13.24 -13.53 13.80
N PRO B 30 -13.17 -14.64 13.11
CA PRO B 30 -14.21 -15.67 13.20
C PRO B 30 -13.96 -16.61 14.33
N ASP B 31 -12.74 -16.67 14.87
CA ASP B 31 -12.47 -17.66 15.90
C ASP B 31 -11.83 -17.18 17.17
N ILE B 32 -11.12 -16.06 17.20
CA ILE B 32 -10.43 -15.65 18.43
C ILE B 32 -11.25 -14.51 19.01
N THR B 33 -11.02 -14.18 20.28
CA THR B 33 -11.81 -13.14 20.97
C THR B 33 -10.89 -12.28 21.82
N ASN B 34 -11.40 -11.21 22.46
CA ASN B 34 -10.60 -10.37 23.33
C ASN B 34 -10.03 -11.02 24.56
N SER B 35 -10.68 -12.10 25.03
CA SER B 35 -10.24 -12.80 26.21
C SER B 35 -9.16 -13.78 25.85
N MET B 36 -9.18 -14.26 24.61
CA MET B 36 -8.04 -15.09 24.19
C MET B 36 -6.77 -14.20 24.04
N ARG B 37 -6.92 -13.05 23.42
CA ARG B 37 -5.87 -12.10 23.17
C ARG B 37 -5.24 -11.73 24.55
N ALA B 38 -6.08 -11.41 25.51
CA ALA B 38 -5.69 -11.07 26.86
C ALA B 38 -4.79 -12.13 27.47
N ILE B 39 -5.04 -13.41 27.22
CA ILE B 39 -4.34 -14.55 27.75
C ILE B 39 -2.99 -14.65 27.04
N LEU B 40 -2.99 -14.53 25.71
CA LEU B 40 -1.73 -14.45 24.97
C LEU B 40 -0.82 -13.35 25.57
N VAL B 41 -1.33 -12.12 25.71
CA VAL B 41 -0.56 -10.99 26.21
C VAL B 41 0.01 -11.25 27.63
N ASP B 42 -0.86 -11.80 28.53
CA ASP B 42 -0.43 -12.16 29.84
C ASP B 42 0.66 -13.22 29.78
N TRP B 43 0.62 -14.16 28.84
CA TRP B 43 1.68 -15.11 28.65
C TRP B 43 2.97 -14.44 28.15
N LEU B 44 2.82 -13.42 27.27
CA LEU B 44 4.04 -12.74 26.76
C LEU B 44 4.69 -11.95 27.92
N VAL B 45 3.91 -11.37 28.84
CA VAL B 45 4.51 -10.70 29.99
C VAL B 45 5.39 -11.66 30.80
N GLU B 46 4.99 -12.89 31.01
CA GLU B 46 5.75 -13.92 31.71
C GLU B 46 6.96 -14.37 30.90
N VAL B 47 6.78 -14.49 29.59
CA VAL B 47 7.93 -14.81 28.72
C VAL B 47 8.96 -13.69 28.85
N GLY B 48 8.49 -12.42 28.77
CA GLY B 48 9.42 -11.29 28.91
C GLY B 48 10.17 -11.44 30.26
N GLU B 49 9.52 -11.78 31.36
CA GLU B 49 10.11 -11.92 32.69
C GLU B 49 11.06 -13.11 32.72
N GLU B 50 10.60 -14.27 32.23
CA GLU B 50 11.54 -15.39 32.19
C GLU B 50 12.84 -15.03 31.48
N TYR B 51 12.85 -14.47 30.28
CA TYR B 51 14.03 -14.17 29.54
C TYR B 51 14.64 -12.82 29.88
N LYS B 52 14.12 -12.07 30.84
CA LYS B 52 14.73 -10.75 31.06
C LYS B 52 14.76 -9.85 29.85
N LEU B 53 13.61 -9.68 29.22
CA LEU B 53 13.44 -8.84 28.03
C LEU B 53 13.07 -7.46 28.50
N GLN B 54 13.46 -6.43 27.74
CA GLN B 54 12.98 -5.10 28.05
C GLN B 54 11.47 -5.01 27.99
N ASN B 55 10.85 -4.04 28.71
CA ASN B 55 9.42 -3.89 28.57
C ASN B 55 9.06 -3.39 27.17
N GLU B 56 9.95 -2.61 26.55
CA GLU B 56 9.75 -2.10 25.21
C GLU B 56 9.50 -3.24 24.24
N THR B 57 10.23 -4.35 24.34
CA THR B 57 10.07 -5.54 23.51
C THR B 57 8.67 -6.13 23.65
N LEU B 58 8.09 -6.14 24.85
CA LEU B 58 6.75 -6.56 25.08
C LEU B 58 5.77 -5.66 24.35
N HIS B 59 5.95 -4.34 24.56
CA HIS B 59 5.08 -3.36 23.92
C HIS B 59 5.13 -3.46 22.39
N LEU B 60 6.33 -3.70 21.82
CA LEU B 60 6.41 -3.89 20.37
C LEU B 60 5.72 -5.14 19.90
N ALA B 61 5.92 -6.26 20.55
CA ALA B 61 5.35 -7.53 20.18
C ALA B 61 3.82 -7.39 20.15
N VAL B 62 3.21 -6.75 21.14
CA VAL B 62 1.78 -6.48 21.12
C VAL B 62 1.40 -5.61 19.92
N ASN B 63 2.10 -4.53 19.66
CA ASN B 63 1.85 -3.70 18.46
C ASN B 63 1.85 -4.59 17.22
N TYR B 64 2.80 -5.51 17.08
CA TYR B 64 2.87 -6.36 15.87
C TYR B 64 1.69 -7.33 15.77
N ILE B 65 1.32 -7.91 16.95
CA ILE B 65 0.22 -8.85 16.97
C ILE B 65 -1.09 -8.16 16.57
N ASP B 66 -1.40 -6.97 17.10
CA ASP B 66 -2.62 -6.30 16.81
C ASP B 66 -2.67 -5.90 15.34
N ARG B 67 -1.60 -5.32 14.78
CA ARG B 67 -1.59 -5.06 13.36
C ARG B 67 -1.74 -6.34 12.52
N PHE B 68 -1.11 -7.42 12.93
CA PHE B 68 -1.18 -8.63 12.13
C PHE B 68 -2.67 -9.12 12.13
N LEU B 69 -3.30 -9.12 13.30
CA LEU B 69 -4.67 -9.50 13.45
C LEU B 69 -5.64 -8.49 12.83
N SER B 70 -5.17 -7.26 12.57
CA SER B 70 -6.04 -6.33 11.85
C SER B 70 -6.32 -6.83 10.42
N SER B 71 -5.55 -7.71 9.82
CA SER B 71 -5.81 -7.99 8.40
C SER B 71 -5.69 -9.46 8.07
N MET B 72 -5.41 -10.24 9.12
CA MET B 72 -5.34 -11.67 8.99
C MET B 72 -6.22 -12.35 10.06
N SER B 73 -7.10 -13.17 9.48
CA SER B 73 -7.94 -14.01 10.36
C SER B 73 -7.12 -15.22 10.75
N VAL B 74 -7.14 -15.64 12.04
CA VAL B 74 -6.23 -16.65 12.62
C VAL B 74 -6.95 -17.71 13.44
N LEU B 75 -6.76 -19.01 13.37
CA LEU B 75 -7.56 -19.86 14.32
C LEU B 75 -6.94 -19.85 15.72
N ARG B 76 -7.77 -20.10 16.76
CA ARG B 76 -7.32 -19.99 18.15
C ARG B 76 -6.10 -20.81 18.44
N GLY B 77 -5.98 -21.94 17.74
CA GLY B 77 -4.83 -22.84 17.85
C GLY B 77 -3.55 -22.33 17.23
N LYS B 78 -3.47 -21.26 16.44
CA LYS B 78 -2.27 -20.74 15.84
C LYS B 78 -1.96 -19.37 16.43
N LEU B 79 -2.75 -18.90 17.35
CA LEU B 79 -2.72 -17.60 17.97
C LEU B 79 -1.43 -17.53 18.81
N GLN B 80 -1.06 -18.59 19.45
CA GLN B 80 0.27 -18.58 20.15
C GLN B 80 1.40 -18.56 19.13
N LEU B 81 1.25 -19.06 17.93
CA LEU B 81 2.34 -19.11 16.95
C LEU B 81 2.58 -17.67 16.43
N VAL B 82 1.51 -16.88 16.22
CA VAL B 82 1.56 -15.48 15.88
C VAL B 82 2.35 -14.69 16.96
N GLY B 83 1.95 -14.87 18.18
CA GLY B 83 2.48 -14.27 19.38
C GLY B 83 3.98 -14.56 19.54
N THR B 84 4.36 -15.82 19.42
CA THR B 84 5.72 -16.26 19.50
C THR B 84 6.55 -15.66 18.39
N ALA B 85 6.12 -15.64 17.15
CA ALA B 85 6.92 -15.07 16.09
C ALA B 85 7.03 -13.55 16.36
N ALA B 86 5.95 -12.92 16.88
CA ALA B 86 6.03 -11.50 17.12
C ALA B 86 7.05 -11.11 18.18
N MET B 87 7.14 -11.91 19.26
CA MET B 87 8.04 -11.63 20.37
C MET B 87 9.46 -11.83 19.90
N LEU B 88 9.72 -12.81 19.04
CA LEU B 88 10.92 -13.13 18.34
C LEU B 88 11.35 -11.91 17.50
N LEU B 89 10.49 -11.38 16.65
CA LEU B 89 10.83 -10.23 15.86
C LEU B 89 11.03 -9.02 16.77
N ALA B 90 10.20 -8.77 17.80
CA ALA B 90 10.40 -7.59 18.66
C ALA B 90 11.76 -7.71 19.38
N SER B 91 12.17 -8.91 19.71
CA SER B 91 13.51 -9.15 20.37
C SER B 91 14.68 -8.88 19.47
N LYS B 92 14.58 -9.33 18.21
CA LYS B 92 15.58 -9.04 17.22
C LYS B 92 15.69 -7.54 16.95
N PHE B 93 14.57 -6.83 16.91
CA PHE B 93 14.68 -5.39 16.69
C PHE B 93 15.31 -4.64 17.90
N GLU B 94 14.83 -4.94 19.09
CA GLU B 94 15.01 -4.19 20.29
C GLU B 94 16.10 -4.73 21.25
N GLU B 95 16.39 -6.01 21.28
CA GLU B 95 17.34 -6.52 22.26
C GLU B 95 18.82 -6.60 21.86
N ILE B 96 19.72 -6.30 22.85
CA ILE B 96 21.12 -6.51 22.48
C ILE B 96 21.29 -8.01 22.27
N TYR B 97 20.82 -8.93 23.12
CA TYR B 97 20.94 -10.35 22.94
C TYR B 97 19.54 -10.99 22.89
N PRO B 98 18.98 -11.14 21.69
CA PRO B 98 17.69 -11.81 21.60
C PRO B 98 17.84 -13.30 21.88
N PRO B 99 16.87 -13.88 22.60
CA PRO B 99 16.87 -15.32 22.76
C PRO B 99 16.84 -15.90 21.33
N GLU B 100 17.50 -17.05 21.18
CA GLU B 100 17.51 -17.72 19.87
C GLU B 100 16.23 -18.48 19.63
N VAL B 101 16.01 -18.88 18.37
CA VAL B 101 14.75 -19.54 18.00
C VAL B 101 14.41 -20.79 18.78
N ALA B 102 15.39 -21.58 19.16
CA ALA B 102 15.15 -22.81 19.92
C ALA B 102 14.59 -22.41 21.26
N GLU B 103 15.01 -21.22 21.78
CA GLU B 103 14.54 -20.79 23.10
C GLU B 103 13.05 -20.57 22.93
N PHE B 104 12.65 -19.89 21.84
CA PHE B 104 11.27 -19.62 21.51
C PHE B 104 10.48 -20.91 21.20
N VAL B 105 11.07 -21.90 20.52
CA VAL B 105 10.31 -23.12 20.33
C VAL B 105 9.99 -23.74 21.69
N TYR B 106 11.03 -23.91 22.51
CA TYR B 106 10.96 -24.45 23.83
C TYR B 106 9.86 -23.84 24.69
N ILE B 107 9.78 -22.52 24.84
CA ILE B 107 8.71 -21.94 25.69
C ILE B 107 7.34 -22.13 25.09
N THR B 108 7.24 -22.56 23.81
CA THR B 108 5.92 -22.92 23.33
C THR B 108 5.49 -24.25 23.96
N ASP B 109 6.37 -24.95 24.69
CA ASP B 109 6.24 -26.20 25.38
C ASP B 109 6.26 -27.26 24.26
N ASP B 110 6.98 -26.92 23.21
CA ASP B 110 7.04 -27.76 22.01
C ASP B 110 5.73 -27.88 21.26
N THR B 111 4.80 -26.92 21.37
CA THR B 111 3.55 -26.92 20.62
C THR B 111 3.80 -26.75 19.13
N TYR B 112 4.89 -26.03 18.79
CA TYR B 112 5.22 -25.78 17.40
C TYR B 112 6.63 -26.21 17.08
N THR B 113 6.93 -26.26 15.78
CA THR B 113 8.30 -26.56 15.43
C THR B 113 9.02 -25.23 15.12
N LYS B 114 10.32 -25.34 14.93
CA LYS B 114 11.22 -24.27 14.62
C LYS B 114 10.88 -23.78 13.21
N LYS B 115 10.58 -24.76 12.35
CA LYS B 115 10.19 -24.49 10.96
C LYS B 115 8.89 -23.70 10.93
N GLN B 116 7.89 -23.98 11.77
CA GLN B 116 6.68 -23.17 11.85
C GLN B 116 6.92 -21.74 12.34
N VAL B 117 7.74 -21.61 13.42
CA VAL B 117 8.08 -20.32 13.98
C VAL B 117 8.79 -19.47 12.96
N LEU B 118 9.71 -20.03 12.21
CA LEU B 118 10.45 -19.26 11.18
C LEU B 118 9.58 -18.89 9.99
N ARG B 119 8.73 -19.80 9.57
CA ARG B 119 7.71 -19.44 8.53
C ARG B 119 6.70 -18.46 9.12
N MET B 120 6.19 -18.60 10.35
CA MET B 120 5.35 -17.50 10.88
C MET B 120 6.12 -16.18 10.95
N GLU B 121 7.45 -16.23 11.27
CA GLU B 121 8.23 -14.97 11.24
C GLU B 121 8.21 -14.31 9.88
N HIS B 122 8.34 -15.10 8.81
CA HIS B 122 8.33 -14.54 7.47
C HIS B 122 6.98 -14.00 7.10
N LEU B 123 5.90 -14.64 7.51
CA LEU B 123 4.54 -14.09 7.16
C LEU B 123 4.22 -12.80 7.89
N VAL B 124 4.64 -12.70 9.19
CA VAL B 124 4.37 -11.49 9.96
C VAL B 124 5.14 -10.35 9.28
N LEU B 125 6.39 -10.60 8.87
CA LEU B 125 7.18 -9.57 8.26
C LEU B 125 6.49 -9.14 6.93
N LYS B 126 5.98 -10.12 6.19
CA LYS B 126 5.28 -9.81 4.92
C LYS B 126 3.98 -9.04 5.21
N VAL B 127 3.18 -9.54 6.19
CA VAL B 127 1.97 -8.70 6.38
C VAL B 127 2.27 -7.34 6.89
N LEU B 128 3.29 -7.12 7.79
CA LEU B 128 3.50 -5.80 8.35
C LEU B 128 4.40 -5.03 7.40
N THR B 129 4.82 -5.61 6.27
CA THR B 129 5.70 -4.99 5.25
C THR B 129 6.96 -4.48 5.96
N PHE B 130 7.54 -5.30 6.87
CA PHE B 130 8.77 -5.00 7.58
C PHE B 130 8.66 -3.71 8.37
N ASP B 131 7.52 -3.09 8.67
CA ASP B 131 7.44 -1.88 9.42
C ASP B 131 7.42 -2.21 10.92
N LEU B 132 8.63 -2.46 11.49
CA LEU B 132 8.76 -2.83 12.86
C LEU B 132 9.06 -1.74 13.85
N ALA B 133 9.43 -0.54 13.36
CA ALA B 133 9.83 0.54 14.20
C ALA B 133 8.61 1.30 14.69
N ALA B 134 7.79 0.75 15.55
CA ALA B 134 6.60 1.56 15.91
C ALA B 134 6.75 2.22 17.26
N PRO B 135 5.95 3.23 17.53
CA PRO B 135 5.89 3.95 18.78
C PRO B 135 5.02 3.21 19.79
N THR B 136 5.35 3.20 21.08
CA THR B 136 4.59 2.37 22.01
C THR B 136 4.33 3.30 23.21
N VAL B 137 3.50 2.80 24.12
CA VAL B 137 3.22 3.65 25.26
C VAL B 137 4.53 3.81 26.02
N ASN B 138 5.37 2.78 26.10
CA ASN B 138 6.64 2.88 26.84
C ASN B 138 7.45 4.04 26.34
N GLN B 139 7.56 4.24 25.02
CA GLN B 139 8.34 5.32 24.48
C GLN B 139 7.78 6.69 24.86
N PHE B 140 6.53 6.98 24.93
CA PHE B 140 5.91 8.24 25.34
C PHE B 140 6.17 8.48 26.82
N LEU B 141 5.97 7.40 27.61
CA LEU B 141 6.16 7.51 29.02
C LEU B 141 7.57 7.94 29.42
N THR B 142 8.59 7.38 28.87
CA THR B 142 10.00 7.66 29.20
C THR B 142 10.34 9.08 28.77
N GLN B 143 9.72 9.67 27.76
CA GLN B 143 9.84 11.07 27.43
C GLN B 143 9.13 12.00 28.37
N TYR B 144 7.90 11.58 28.84
CA TYR B 144 7.15 12.41 29.73
C TYR B 144 7.88 12.46 31.09
N PHE B 145 8.54 11.36 31.47
CA PHE B 145 9.25 11.27 32.75
C PHE B 145 10.39 12.29 32.84
N LEU B 146 10.92 12.81 31.73
CA LEU B 146 11.92 13.85 31.71
C LEU B 146 11.43 15.18 32.24
N HIS B 147 10.15 15.36 32.45
CA HIS B 147 9.55 16.54 33.02
C HIS B 147 9.23 16.45 34.50
N GLN B 148 9.41 15.39 35.27
CA GLN B 148 8.89 15.34 36.63
C GLN B 148 9.81 15.57 37.80
N GLN B 149 10.62 16.60 37.76
CA GLN B 149 11.61 17.01 38.76
C GLN B 149 11.61 16.67 40.20
N PRO B 150 12.71 16.41 40.91
CA PRO B 150 13.53 15.25 40.69
C PRO B 150 12.61 14.09 40.23
N ALA B 151 13.20 13.09 39.59
CA ALA B 151 12.40 11.97 39.14
C ALA B 151 11.84 11.31 40.40
N ASN B 152 10.62 10.78 40.31
CA ASN B 152 10.13 9.99 41.45
C ASN B 152 10.03 8.54 40.96
N CYS B 153 10.86 7.66 41.49
CA CYS B 153 10.92 6.30 40.96
C CYS B 153 9.65 5.51 41.21
N LYS B 154 8.82 5.75 42.20
CA LYS B 154 7.55 5.07 42.37
C LYS B 154 6.53 5.54 41.34
N VAL B 155 6.57 6.84 41.06
CA VAL B 155 5.67 7.38 40.07
C VAL B 155 5.99 6.68 38.75
N GLU B 156 7.27 6.65 38.40
CA GLU B 156 7.72 6.02 37.18
C GLU B 156 7.31 4.54 37.08
N SER B 157 7.50 3.76 38.10
CA SER B 157 7.12 2.33 38.04
C SER B 157 5.61 2.13 37.93
N LEU B 158 4.83 2.96 38.62
CA LEU B 158 3.42 2.86 38.63
C LEU B 158 2.82 3.27 37.28
N ALA B 159 3.41 4.26 36.62
CA ALA B 159 2.93 4.70 35.29
C ALA B 159 3.22 3.55 34.31
N MET B 160 4.34 2.86 34.45
CA MET B 160 4.66 1.77 33.58
C MET B 160 3.75 0.53 33.82
N PHE B 161 3.44 0.27 35.09
CA PHE B 161 2.51 -0.79 35.46
C PHE B 161 1.21 -0.44 34.80
N LEU B 162 0.67 0.76 34.99
CA LEU B 162 -0.64 1.03 34.37
C LEU B 162 -0.64 0.97 32.86
N GLY B 163 0.46 1.45 32.23
CA GLY B 163 0.56 1.39 30.78
C GLY B 163 0.68 -0.05 30.34
N GLU B 164 1.26 -0.92 31.17
CA GLU B 164 1.34 -2.34 30.77
C GLU B 164 -0.04 -3.01 30.93
N LEU B 165 -0.88 -2.67 31.91
CA LEU B 165 -2.22 -3.20 32.13
C LEU B 165 -3.11 -2.88 30.91
N SER B 166 -2.88 -1.73 30.22
CA SER B 166 -3.63 -1.35 29.04
C SER B 166 -3.34 -2.30 27.89
N LEU B 167 -2.22 -3.02 27.86
CA LEU B 167 -1.96 -3.94 26.78
C LEU B 167 -2.82 -5.17 26.83
N ILE B 168 -3.28 -5.50 28.07
CA ILE B 168 -4.06 -6.72 28.18
C ILE B 168 -5.43 -6.55 27.55
N ASP B 169 -6.09 -5.41 27.70
CA ASP B 169 -7.47 -5.24 27.26
C ASP B 169 -7.69 -4.39 25.98
N ALA B 170 -7.91 -5.07 24.85
CA ALA B 170 -8.09 -4.48 23.52
C ALA B 170 -9.36 -3.65 23.60
N ASP B 171 -10.32 -4.12 24.43
CA ASP B 171 -11.46 -3.28 24.67
C ASP B 171 -11.45 -2.70 26.05
N PRO B 172 -10.95 -1.51 26.25
CA PRO B 172 -11.20 -0.33 25.52
C PRO B 172 -9.89 0.24 24.92
N TYR B 173 -8.70 -0.28 25.27
CA TYR B 173 -7.49 0.49 24.87
C TYR B 173 -7.02 0.58 23.45
N LEU B 174 -7.46 -0.20 22.49
CA LEU B 174 -7.17 -0.15 21.08
C LEU B 174 -7.84 1.12 20.58
N LYS B 175 -8.72 1.76 21.35
CA LYS B 175 -9.28 3.02 20.92
C LYS B 175 -8.29 4.16 21.06
N TYR B 176 -7.39 4.17 22.03
CA TYR B 176 -6.61 5.33 22.30
C TYR B 176 -5.24 5.21 21.66
N LEU B 177 -4.63 6.36 21.34
CA LEU B 177 -3.28 6.30 20.81
C LEU B 177 -2.33 6.06 21.96
N PRO B 178 -1.13 5.53 21.77
CA PRO B 178 -0.19 5.34 22.87
C PRO B 178 0.14 6.57 23.65
N SER B 179 0.24 7.74 23.00
CA SER B 179 0.64 8.96 23.66
C SER B 179 -0.43 9.40 24.67
N VAL B 180 -1.70 9.06 24.31
CA VAL B 180 -2.78 9.47 25.26
C VAL B 180 -2.85 8.50 26.44
N ILE B 181 -2.72 7.18 26.19
CA ILE B 181 -2.64 6.22 27.27
C ILE B 181 -1.50 6.59 28.24
N ALA B 182 -0.29 6.83 27.67
CA ALA B 182 0.89 7.24 28.42
C ALA B 182 0.56 8.49 29.25
N GLY B 183 -0.17 9.43 28.64
CA GLY B 183 -0.60 10.62 29.37
C GLY B 183 -1.50 10.30 30.57
N ALA B 184 -2.56 9.54 30.36
CA ALA B 184 -3.47 9.11 31.41
C ALA B 184 -2.75 8.30 32.43
N ALA B 185 -1.81 7.42 31.99
CA ALA B 185 -1.11 6.63 33.02
C ALA B 185 -0.20 7.44 33.90
N PHE B 186 0.49 8.45 33.28
CA PHE B 186 1.38 9.30 34.03
C PHE B 186 0.59 10.15 35.01
N HIS B 187 -0.53 10.79 34.58
CA HIS B 187 -1.36 11.55 35.51
C HIS B 187 -1.82 10.66 36.69
N LEU B 188 -2.52 9.57 36.37
CA LEU B 188 -2.93 8.64 37.45
C LEU B 188 -1.79 8.17 38.30
N ALA B 189 -0.55 7.95 37.92
CA ALA B 189 0.44 7.44 38.86
C ALA B 189 0.95 8.54 39.77
N LEU B 190 1.20 9.72 39.18
CA LEU B 190 1.65 10.90 39.88
C LEU B 190 0.59 11.22 40.96
N TYR B 191 -0.66 11.26 40.54
CA TYR B 191 -1.77 11.57 41.41
C TYR B 191 -1.83 10.62 42.61
N THR B 192 -1.90 9.32 42.39
CA THR B 192 -1.87 8.27 43.38
C THR B 192 -0.64 8.36 44.26
N VAL B 193 0.56 8.62 43.71
CA VAL B 193 1.71 8.60 44.60
C VAL B 193 1.98 9.89 45.38
N THR B 194 1.78 11.07 44.83
CA THR B 194 2.11 12.34 45.42
C THR B 194 0.91 13.27 45.43
N GLY B 195 -0.22 12.97 44.78
CA GLY B 195 -1.28 13.99 44.70
C GLY B 195 -1.00 15.07 43.68
N GLN B 196 0.16 15.12 43.01
CA GLN B 196 0.42 16.15 42.00
C GLN B 196 -0.37 15.83 40.73
N SER B 197 -0.38 16.74 39.76
CA SER B 197 -1.25 16.58 38.58
C SER B 197 -0.60 16.70 37.23
N TRP B 198 -1.27 16.24 36.14
CA TRP B 198 -0.53 16.31 34.84
C TRP B 198 0.15 17.69 34.78
N PRO B 199 1.44 17.83 34.61
CA PRO B 199 2.14 19.11 34.68
C PRO B 199 1.88 20.07 33.54
N GLU B 200 1.97 21.37 33.83
CA GLU B 200 1.83 22.36 32.75
C GLU B 200 2.90 22.21 31.67
N SER B 201 4.15 21.82 31.93
CA SER B 201 5.10 21.60 30.84
C SER B 201 4.62 20.45 29.97
N LEU B 202 4.01 19.39 30.50
CA LEU B 202 3.48 18.35 29.60
C LEU B 202 2.31 18.82 28.77
N ILE B 203 1.46 19.68 29.35
CA ILE B 203 0.35 20.29 28.65
C ILE B 203 0.98 21.11 27.50
N ARG B 204 2.02 21.92 27.77
CA ARG B 204 2.55 22.66 26.63
C ARG B 204 3.23 21.68 25.67
N LYS B 205 3.96 20.68 26.15
CA LYS B 205 4.58 19.78 25.18
C LYS B 205 3.65 18.92 24.32
N THR B 206 2.63 18.34 24.97
CA THR B 206 1.79 17.43 24.19
C THR B 206 0.62 18.12 23.50
N GLY B 207 0.14 19.25 24.04
CA GLY B 207 -1.13 19.78 23.57
C GLY B 207 -2.23 19.10 24.39
N TYR B 208 -1.95 18.15 25.28
CA TYR B 208 -3.01 17.41 25.96
C TYR B 208 -3.31 18.05 27.31
N THR B 209 -4.59 18.36 27.53
CA THR B 209 -4.96 18.87 28.86
C THR B 209 -5.61 17.69 29.61
N LEU B 210 -5.91 17.91 30.87
CA LEU B 210 -6.56 16.96 31.72
C LEU B 210 -7.93 16.66 31.19
N GLU B 211 -8.60 17.63 30.61
CA GLU B 211 -9.85 17.44 29.90
C GLU B 211 -9.63 16.59 28.68
N SER B 212 -8.55 16.61 27.87
CA SER B 212 -8.55 15.72 26.68
C SER B 212 -8.14 14.31 27.11
N LEU B 213 -7.42 14.19 28.25
CA LEU B 213 -7.09 12.85 28.70
C LEU B 213 -8.28 12.21 29.43
N LYS B 214 -9.30 12.95 29.86
CA LYS B 214 -10.39 12.39 30.65
C LYS B 214 -10.95 11.03 30.24
N PRO B 215 -11.45 10.88 29.03
CA PRO B 215 -12.01 9.61 28.60
C PRO B 215 -11.02 8.50 28.89
N CYS B 216 -9.75 8.60 28.43
CA CYS B 216 -8.80 7.54 28.72
C CYS B 216 -8.56 7.33 30.20
N LEU B 217 -8.47 8.42 30.96
CA LEU B 217 -8.21 8.30 32.41
C LEU B 217 -9.36 7.67 33.19
N MET B 218 -10.61 7.79 32.81
CA MET B 218 -11.75 7.16 33.50
C MET B 218 -11.66 5.65 33.27
N ASP B 219 -11.34 5.27 32.02
CA ASP B 219 -11.17 3.87 31.73
C ASP B 219 -10.04 3.26 32.55
N LEU B 220 -8.90 3.91 32.60
CA LEU B 220 -7.71 3.35 33.24
C LEU B 220 -7.80 3.35 34.73
N HIS B 221 -8.54 4.29 35.31
CA HIS B 221 -8.87 4.36 36.72
C HIS B 221 -9.72 3.11 37.04
N GLN B 222 -10.69 2.79 36.19
CA GLN B 222 -11.51 1.61 36.42
C GLN B 222 -10.67 0.35 36.25
N THR B 223 -9.81 0.30 35.22
CA THR B 223 -8.94 -0.86 35.05
C THR B 223 -8.06 -1.08 36.27
N TYR B 224 -7.43 -0.04 36.75
CA TYR B 224 -6.65 -0.05 37.99
C TYR B 224 -7.43 -0.49 39.25
N LEU B 225 -8.62 0.07 39.46
CA LEU B 225 -9.49 -0.33 40.57
C LEU B 225 -9.92 -1.80 40.46
N LYS B 226 -10.22 -2.34 39.33
CA LYS B 226 -10.69 -3.70 39.13
C LYS B 226 -9.56 -4.67 38.86
N ALA B 227 -8.33 -4.27 39.06
CA ALA B 227 -7.22 -5.15 38.65
C ALA B 227 -7.34 -6.46 39.40
N PRO B 228 -7.60 -6.44 40.72
CA PRO B 228 -7.70 -7.66 41.54
C PRO B 228 -8.66 -8.67 41.01
N GLN B 229 -9.72 -8.34 40.35
CA GLN B 229 -10.74 -9.20 39.82
C GLN B 229 -10.51 -9.67 38.39
N HIS B 230 -9.37 -9.24 37.79
CA HIS B 230 -9.21 -9.50 36.34
C HIS B 230 -8.71 -10.91 36.22
N ALA B 231 -9.05 -11.65 35.20
CA ALA B 231 -8.50 -13.01 35.04
C ALA B 231 -6.99 -13.12 34.81
N GLN B 232 -6.29 -12.11 34.27
CA GLN B 232 -4.87 -12.12 33.95
C GLN B 232 -4.09 -11.40 35.04
N GLN B 233 -3.10 -12.00 35.67
CA GLN B 233 -2.48 -11.37 36.84
C GLN B 233 -0.97 -11.30 36.80
N SER B 234 -0.33 -11.69 35.68
CA SER B 234 1.12 -11.61 35.66
C SER B 234 1.69 -10.18 35.76
N ILE B 235 0.95 -9.15 35.32
CA ILE B 235 1.46 -7.78 35.42
C ILE B 235 1.51 -7.36 36.89
N ARG B 236 0.43 -7.64 37.64
CA ARG B 236 0.41 -7.29 39.05
C ARG B 236 1.48 -8.09 39.76
N GLU B 237 1.64 -9.35 39.38
CA GLU B 237 2.68 -10.10 40.04
C GLU B 237 4.02 -9.51 39.65
N LYS B 238 4.27 -9.03 38.42
CA LYS B 238 5.62 -8.55 38.04
C LYS B 238 5.95 -7.30 38.83
N TYR B 239 4.99 -6.39 39.05
CA TYR B 239 5.22 -5.11 39.65
C TYR B 239 5.23 -5.05 41.19
N LYS B 240 5.18 -6.24 41.81
CA LYS B 240 5.31 -6.32 43.27
C LYS B 240 6.82 -6.40 43.51
N ASN B 241 7.64 -6.81 42.57
CA ASN B 241 9.07 -6.91 42.74
C ASN B 241 9.66 -5.54 43.15
N SER B 242 10.77 -5.65 43.92
CA SER B 242 11.45 -4.43 44.36
C SER B 242 12.04 -3.70 43.18
N LYS B 243 12.42 -4.37 42.09
CA LYS B 243 12.86 -3.64 40.89
C LYS B 243 11.83 -2.63 40.40
N TYR B 244 10.57 -2.82 40.66
CA TYR B 244 9.47 -1.94 40.33
C TYR B 244 8.93 -1.27 41.56
N HIS B 245 9.74 -1.27 42.66
CA HIS B 245 9.37 -0.65 43.91
C HIS B 245 8.04 -1.15 44.46
N GLY B 246 7.66 -2.38 44.13
CA GLY B 246 6.35 -2.89 44.66
C GLY B 246 5.14 -2.06 44.38
N VAL B 247 5.08 -1.19 43.39
CA VAL B 247 3.91 -0.33 43.14
C VAL B 247 2.61 -1.02 42.92
N SER B 248 2.59 -2.29 42.49
CA SER B 248 1.27 -2.94 42.31
C SER B 248 0.70 -3.31 43.71
N LEU B 249 1.46 -3.13 44.82
CA LEU B 249 0.84 -3.28 46.13
C LEU B 249 0.19 -1.99 46.58
N LEU B 250 0.48 -0.82 45.99
CA LEU B 250 -0.17 0.41 46.41
C LEU B 250 -1.68 0.40 46.21
N ASN B 251 -2.45 1.15 47.03
CA ASN B 251 -3.88 1.27 46.77
C ASN B 251 -4.30 2.32 45.76
N PRO B 252 -5.14 1.96 44.80
CA PRO B 252 -5.66 2.90 43.84
C PRO B 252 -6.43 4.01 44.54
N PRO B 253 -6.50 5.19 43.95
CA PRO B 253 -7.26 6.29 44.54
C PRO B 253 -8.72 5.92 44.34
N GLU B 254 -9.62 6.10 45.33
CA GLU B 254 -11.03 5.74 45.10
C GLU B 254 -11.61 6.74 44.13
N THR B 255 -11.20 8.01 44.19
CA THR B 255 -11.67 8.97 43.18
C THR B 255 -10.51 9.86 42.68
N LEU B 256 -10.78 10.61 41.63
CA LEU B 256 -9.78 11.49 41.04
C LEU B 256 -10.13 12.97 41.10
N ASN B 257 -11.27 13.34 41.63
CA ASN B 257 -11.71 14.74 41.65
C ASN B 257 -11.35 15.47 40.37
N LEU B 258 -12.07 15.11 39.30
CA LEU B 258 -11.87 15.73 38.00
C LEU B 258 -13.02 16.66 37.63
N SER C 5 4.47 -17.55 -1.61
CA SER C 5 3.80 -18.36 -2.61
C SER C 5 2.84 -19.39 -2.01
N MET C 6 3.00 -20.65 -2.40
CA MET C 6 1.91 -21.61 -2.16
C MET C 6 2.28 -22.67 -1.16
N GLU C 7 3.43 -22.54 -0.52
CA GLU C 7 3.99 -23.39 0.51
C GLU C 7 3.15 -23.40 1.78
N ASN C 8 2.57 -22.28 2.14
CA ASN C 8 1.68 -22.15 3.28
C ASN C 8 0.26 -22.64 3.00
N PHE C 9 -0.11 -23.11 1.82
CA PHE C 9 -1.52 -23.56 1.66
C PHE C 9 -1.64 -25.07 1.53
N GLN C 10 -2.49 -25.68 2.31
CA GLN C 10 -2.72 -27.09 2.22
C GLN C 10 -4.08 -27.31 1.49
N LYS C 11 -4.09 -28.20 0.50
CA LYS C 11 -5.32 -28.42 -0.28
C LYS C 11 -6.29 -29.27 0.49
N VAL C 12 -7.50 -28.82 0.71
CA VAL C 12 -8.46 -29.62 1.46
C VAL C 12 -9.32 -30.39 0.46
N GLU C 13 -9.77 -29.85 -0.63
CA GLU C 13 -10.60 -30.49 -1.64
C GLU C 13 -10.89 -29.59 -2.84
N LYS C 14 -10.91 -30.25 -3.99
CA LYS C 14 -11.23 -29.61 -5.24
C LYS C 14 -12.73 -29.27 -5.17
N ILE C 15 -13.17 -28.02 -5.30
CA ILE C 15 -14.62 -27.80 -5.21
C ILE C 15 -15.27 -27.79 -6.61
N GLY C 16 -14.63 -27.33 -7.71
CA GLY C 16 -15.37 -27.35 -8.98
C GLY C 16 -14.68 -26.36 -9.94
N GLU C 17 -15.20 -26.13 -11.10
CA GLU C 17 -14.71 -25.19 -12.11
C GLU C 17 -15.67 -24.05 -12.36
N GLY C 18 -15.30 -22.80 -12.24
CA GLY C 18 -16.33 -21.74 -12.47
C GLY C 18 -16.13 -21.19 -13.87
N THR C 19 -16.16 -19.88 -14.07
CA THR C 19 -15.98 -19.26 -15.40
C THR C 19 -14.59 -19.57 -15.91
N TYR C 20 -13.57 -19.68 -15.05
CA TYR C 20 -12.25 -20.04 -15.52
C TYR C 20 -11.45 -20.65 -14.39
N GLY C 21 -10.37 -21.38 -14.65
CA GLY C 21 -9.56 -21.96 -13.59
C GLY C 21 -10.32 -22.98 -12.77
N VAL C 22 -9.73 -23.50 -11.68
CA VAL C 22 -10.40 -24.48 -10.81
C VAL C 22 -10.39 -23.94 -9.36
N VAL C 23 -11.44 -24.19 -8.61
CA VAL C 23 -11.53 -23.71 -7.26
C VAL C 23 -11.33 -24.89 -6.28
N TYR C 24 -10.45 -24.58 -5.30
CA TYR C 24 -10.19 -25.53 -4.21
C TYR C 24 -10.54 -25.01 -2.82
N LYS C 25 -11.01 -25.86 -1.92
CA LYS C 25 -11.09 -25.50 -0.51
C LYS C 25 -9.65 -25.75 -0.02
N ALA C 26 -9.05 -24.75 0.64
CA ALA C 26 -7.66 -24.96 1.13
C ALA C 26 -7.52 -24.23 2.48
N ARG C 27 -6.43 -24.56 3.17
CA ARG C 27 -6.22 -24.00 4.51
C ARG C 27 -4.85 -23.37 4.65
N ASN C 28 -4.78 -22.17 5.23
CA ASN C 28 -3.45 -21.55 5.46
C ASN C 28 -2.82 -22.37 6.58
N LYS C 29 -1.67 -22.97 6.32
CA LYS C 29 -1.15 -23.81 7.38
C LYS C 29 -0.52 -23.03 8.54
N LEU C 30 -0.27 -21.75 8.47
CA LEU C 30 0.31 -21.06 9.59
C LEU C 30 -0.77 -20.46 10.46
N THR C 31 -1.81 -19.87 9.79
CA THR C 31 -2.83 -19.19 10.64
C THR C 31 -4.08 -20.04 10.86
N GLY C 32 -4.19 -21.11 10.03
CA GLY C 32 -5.36 -21.98 10.08
C GLY C 32 -6.52 -21.54 9.22
N GLU C 33 -6.59 -20.35 8.68
CA GLU C 33 -7.66 -19.79 7.88
C GLU C 33 -7.87 -20.69 6.66
N VAL C 34 -9.11 -21.02 6.49
CA VAL C 34 -9.71 -21.78 5.37
C VAL C 34 -10.05 -20.79 4.28
N VAL C 35 -9.64 -21.09 3.07
CA VAL C 35 -9.87 -20.14 1.98
C VAL C 35 -10.31 -20.92 0.73
N ALA C 36 -10.80 -20.15 -0.26
CA ALA C 36 -11.14 -20.76 -1.52
C ALA C 36 -10.02 -20.29 -2.47
N LEU C 37 -9.19 -21.13 -3.03
CA LEU C 37 -8.16 -20.87 -3.93
C LEU C 37 -8.65 -21.10 -5.39
N LYS C 38 -8.52 -20.05 -6.23
CA LYS C 38 -8.91 -20.26 -7.63
C LYS C 38 -7.57 -20.25 -8.39
N LYS C 39 -7.34 -21.35 -9.06
CA LYS C 39 -6.15 -21.66 -9.77
C LYS C 39 -6.26 -21.59 -11.27
N ILE C 40 -5.36 -20.81 -11.84
CA ILE C 40 -5.26 -20.67 -13.29
C ILE C 40 -3.85 -21.06 -13.74
N ARG C 41 -3.72 -21.98 -14.69
CA ARG C 41 -2.44 -22.26 -15.29
C ARG C 41 -2.24 -21.16 -16.33
N LEU C 42 -1.13 -20.47 -16.37
CA LEU C 42 -0.94 -19.40 -17.32
C LEU C 42 -0.11 -19.87 -18.50
N ASP C 43 0.12 -18.94 -19.42
CA ASP C 43 1.07 -19.39 -20.48
C ASP C 43 2.03 -18.30 -20.84
N THR C 44 3.34 -18.49 -20.75
CA THR C 44 4.26 -17.50 -21.29
C THR C 44 4.70 -18.10 -22.64
N GLU C 45 4.90 -17.16 -23.50
CA GLU C 45 5.16 -17.33 -24.90
C GLU C 45 3.73 -17.08 -25.34
N THR C 46 2.55 -17.43 -24.83
CA THR C 46 1.48 -16.94 -25.74
C THR C 46 0.41 -16.08 -25.12
N GLU C 47 0.18 -16.09 -23.81
CA GLU C 47 -0.99 -15.29 -23.39
C GLU C 47 -0.74 -14.36 -22.23
N GLY C 48 -0.08 -14.81 -21.17
CA GLY C 48 0.14 -14.01 -19.96
C GLY C 48 -1.11 -14.14 -19.11
N VAL C 49 -1.43 -13.14 -18.33
CA VAL C 49 -2.59 -13.27 -17.43
C VAL C 49 -3.85 -13.12 -18.28
N PRO C 50 -4.85 -13.98 -18.16
CA PRO C 50 -6.06 -13.89 -18.99
C PRO C 50 -6.91 -12.68 -18.63
N SER C 51 -7.65 -12.17 -19.64
CA SER C 51 -8.53 -11.04 -19.34
C SER C 51 -9.60 -11.39 -18.34
N THR C 52 -10.10 -12.60 -18.15
CA THR C 52 -11.07 -12.90 -17.08
C THR C 52 -10.44 -12.64 -15.71
N ALA C 53 -9.17 -13.04 -15.48
CA ALA C 53 -8.54 -12.70 -14.14
C ALA C 53 -8.24 -11.20 -14.01
N ILE C 54 -7.86 -10.52 -15.16
CA ILE C 54 -7.55 -9.11 -15.05
C ILE C 54 -8.79 -8.33 -14.64
N ARG C 55 -9.93 -8.65 -15.28
CA ARG C 55 -11.17 -8.05 -14.93
C ARG C 55 -11.62 -8.48 -13.52
N GLU C 56 -11.69 -9.75 -13.17
CA GLU C 56 -12.23 -10.18 -11.88
C GLU C 56 -11.41 -9.55 -10.71
N ILE C 57 -10.07 -9.54 -10.89
CA ILE C 57 -9.27 -8.93 -9.80
C ILE C 57 -9.47 -7.46 -9.73
N SER C 58 -9.23 -6.68 -10.84
CA SER C 58 -9.35 -5.26 -10.72
C SER C 58 -10.75 -4.80 -10.35
N LEU C 59 -11.82 -5.42 -10.85
CA LEU C 59 -13.16 -4.96 -10.50
C LEU C 59 -13.49 -5.43 -9.09
N LEU C 60 -13.11 -6.64 -8.71
CA LEU C 60 -13.31 -7.05 -7.31
C LEU C 60 -12.64 -6.11 -6.34
N LYS C 61 -11.50 -5.47 -6.69
CA LYS C 61 -10.91 -4.51 -5.74
C LYS C 61 -11.63 -3.18 -5.65
N GLU C 62 -12.50 -2.87 -6.54
CA GLU C 62 -13.35 -1.71 -6.43
C GLU C 62 -14.72 -2.08 -5.88
N LEU C 63 -14.98 -3.29 -5.37
CA LEU C 63 -16.38 -3.55 -5.00
C LEU C 63 -16.32 -4.07 -3.58
N ASN C 64 -16.19 -3.20 -2.61
CA ASN C 64 -16.07 -3.74 -1.23
C ASN C 64 -17.49 -3.68 -0.73
N HIS C 65 -18.18 -4.78 -0.45
CA HIS C 65 -19.61 -4.54 -0.04
C HIS C 65 -19.99 -5.81 0.66
N PRO C 66 -20.86 -5.76 1.66
CA PRO C 66 -21.19 -6.97 2.43
C PRO C 66 -21.76 -8.05 1.55
N ASN C 67 -22.40 -7.81 0.38
CA ASN C 67 -23.04 -8.78 -0.42
C ASN C 67 -22.22 -9.15 -1.66
N ILE C 68 -20.93 -8.87 -1.57
CA ILE C 68 -19.97 -9.23 -2.64
C ILE C 68 -18.79 -9.97 -2.08
N VAL C 69 -18.35 -11.10 -2.61
CA VAL C 69 -17.31 -11.92 -2.07
C VAL C 69 -16.03 -11.16 -1.89
N LYS C 70 -15.27 -11.46 -0.83
CA LYS C 70 -14.01 -10.77 -0.58
C LYS C 70 -12.83 -11.44 -1.28
N LEU C 71 -12.02 -10.67 -2.02
CA LEU C 71 -10.76 -11.26 -2.53
C LEU C 71 -9.66 -11.04 -1.48
N LEU C 72 -8.95 -12.03 -0.97
CA LEU C 72 -8.02 -11.73 0.14
C LEU C 72 -6.57 -11.55 -0.34
N ASP C 73 -6.25 -12.23 -1.44
CA ASP C 73 -4.88 -11.98 -1.94
C ASP C 73 -4.78 -12.44 -3.39
N VAL C 74 -3.67 -12.16 -4.04
CA VAL C 74 -3.40 -12.63 -5.37
C VAL C 74 -2.00 -13.20 -5.35
N ILE C 75 -1.70 -14.41 -5.77
CA ILE C 75 -0.32 -14.88 -5.74
C ILE C 75 0.03 -15.28 -7.19
N HIS C 76 0.82 -14.37 -7.75
CA HIS C 76 1.19 -14.36 -9.16
C HIS C 76 2.57 -14.92 -9.37
N THR C 77 2.57 -16.22 -9.60
CA THR C 77 3.83 -16.90 -9.96
C THR C 77 4.18 -16.60 -11.43
N GLU C 78 5.31 -17.21 -11.81
CA GLU C 78 5.76 -17.18 -13.20
C GLU C 78 4.90 -18.16 -14.00
N ASN C 79 4.53 -19.32 -13.52
CA ASN C 79 3.73 -20.36 -14.14
C ASN C 79 2.21 -20.46 -13.89
N LYS C 80 1.71 -19.91 -12.78
CA LYS C 80 0.39 -19.99 -12.26
C LYS C 80 -0.02 -18.72 -11.52
N LEU C 81 -1.34 -18.49 -11.60
CA LEU C 81 -1.91 -17.35 -10.89
C LEU C 81 -2.89 -17.93 -9.87
N TYR C 82 -2.96 -17.39 -8.68
CA TYR C 82 -3.89 -17.94 -7.69
C TYR C 82 -4.74 -16.77 -7.19
N LEU C 83 -6.05 -16.86 -7.20
CA LEU C 83 -6.78 -15.80 -6.49
C LEU C 83 -7.21 -16.43 -5.16
N VAL C 84 -6.97 -15.71 -4.05
CA VAL C 84 -7.34 -16.36 -2.77
C VAL C 84 -8.59 -15.67 -2.30
N PHE C 85 -9.65 -16.40 -2.06
CA PHE C 85 -10.88 -15.80 -1.62
C PHE C 85 -11.26 -16.21 -0.23
N GLU C 86 -12.10 -15.43 0.43
CA GLU C 86 -12.72 -15.90 1.65
C GLU C 86 -13.57 -17.14 1.31
N PHE C 87 -13.64 -18.09 2.25
CA PHE C 87 -14.43 -19.29 2.01
C PHE C 87 -15.80 -19.16 2.67
N LEU C 88 -16.90 -19.36 1.98
CA LEU C 88 -18.17 -19.23 2.67
C LEU C 88 -18.71 -20.64 2.90
N HIS C 89 -19.85 -20.82 3.55
CA HIS C 89 -20.32 -22.20 3.84
C HIS C 89 -20.54 -22.99 2.58
N GLN C 90 -21.33 -22.45 1.59
CA GLN C 90 -21.51 -23.19 0.36
C GLN C 90 -22.17 -22.35 -0.74
N ASP C 91 -22.19 -22.84 -1.98
CA ASP C 91 -22.98 -22.09 -2.97
C ASP C 91 -24.48 -22.24 -2.79
N LEU C 92 -25.26 -21.37 -3.41
CA LEU C 92 -26.69 -21.43 -3.42
C LEU C 92 -27.16 -22.68 -4.19
N LYS C 93 -26.53 -23.12 -5.25
CA LYS C 93 -26.94 -24.31 -5.89
C LYS C 93 -26.93 -25.52 -4.93
N LYS C 94 -25.84 -25.75 -4.18
CA LYS C 94 -25.78 -26.84 -3.25
C LYS C 94 -26.78 -26.72 -2.08
N PHE C 95 -27.00 -25.47 -1.67
CA PHE C 95 -27.97 -25.25 -0.59
C PHE C 95 -29.31 -25.69 -1.11
N MET C 96 -29.66 -25.25 -2.33
CA MET C 96 -30.98 -25.60 -2.85
C MET C 96 -31.10 -27.12 -3.03
N ASP C 97 -30.10 -27.78 -3.57
CA ASP C 97 -30.09 -29.22 -3.76
C ASP C 97 -30.26 -29.97 -2.45
N ALA C 98 -29.87 -29.45 -1.31
CA ALA C 98 -30.09 -29.96 0.00
C ALA C 98 -31.49 -29.65 0.55
N SER C 99 -32.39 -29.06 -0.25
CA SER C 99 -33.72 -28.59 0.05
C SER C 99 -34.70 -28.71 -1.13
N ALA C 100 -34.32 -29.41 -2.20
CA ALA C 100 -35.11 -29.56 -3.41
C ALA C 100 -36.52 -30.06 -3.09
N LEU C 101 -36.53 -30.95 -2.13
CA LEU C 101 -37.65 -31.61 -1.52
C LEU C 101 -38.40 -30.53 -0.77
N THR C 102 -38.13 -30.19 0.48
CA THR C 102 -38.89 -29.13 1.13
C THR C 102 -38.95 -27.79 0.38
N GLY C 103 -37.81 -27.23 0.02
CA GLY C 103 -37.70 -25.94 -0.67
C GLY C 103 -37.15 -24.95 0.37
N ILE C 104 -36.55 -23.84 -0.06
CA ILE C 104 -36.07 -22.81 0.84
C ILE C 104 -37.31 -22.06 1.33
N PRO C 105 -37.36 -21.78 2.63
CA PRO C 105 -38.49 -21.11 3.18
C PRO C 105 -38.51 -19.73 2.55
N LEU C 106 -39.66 -19.13 2.39
CA LEU C 106 -39.98 -17.86 1.85
C LEU C 106 -39.34 -16.72 2.54
N PRO C 107 -39.20 -16.67 3.87
CA PRO C 107 -38.58 -15.53 4.52
C PRO C 107 -37.09 -15.47 4.10
N LEU C 108 -36.48 -16.65 3.99
CA LEU C 108 -35.11 -16.69 3.61
C LEU C 108 -34.92 -16.29 2.11
N ILE C 109 -35.80 -16.71 1.23
CA ILE C 109 -35.76 -16.40 -0.19
C ILE C 109 -35.84 -14.88 -0.35
N LYS C 110 -36.74 -14.28 0.42
CA LYS C 110 -36.92 -12.85 0.41
C LYS C 110 -35.69 -12.12 0.89
N SER C 111 -35.08 -12.66 1.98
CA SER C 111 -33.92 -11.89 2.47
C SER C 111 -32.81 -12.00 1.42
N TYR C 112 -32.64 -13.24 0.90
CA TYR C 112 -31.58 -13.50 -0.02
C TYR C 112 -31.74 -12.58 -1.27
N LEU C 113 -32.93 -12.53 -1.86
CA LEU C 113 -33.21 -11.70 -2.98
C LEU C 113 -32.93 -10.24 -2.68
N PHE C 114 -33.39 -9.77 -1.51
CA PHE C 114 -33.08 -8.37 -1.18
C PHE C 114 -31.55 -8.18 -1.09
N GLN C 115 -30.83 -9.18 -0.57
CA GLN C 115 -29.41 -8.93 -0.42
C GLN C 115 -28.76 -8.99 -1.82
N LEU C 116 -29.22 -9.88 -2.67
CA LEU C 116 -28.65 -10.00 -3.98
C LEU C 116 -28.86 -8.66 -4.73
N LEU C 117 -29.96 -7.98 -4.55
CA LEU C 117 -30.32 -6.74 -5.17
C LEU C 117 -29.47 -5.61 -4.63
N GLN C 118 -29.16 -5.60 -3.33
CA GLN C 118 -28.22 -4.62 -2.80
C GLN C 118 -26.79 -4.76 -3.32
N GLY C 119 -26.32 -6.00 -3.43
CA GLY C 119 -25.04 -6.31 -4.00
C GLY C 119 -25.00 -5.81 -5.49
N LEU C 120 -25.99 -6.15 -6.27
CA LEU C 120 -26.13 -5.85 -7.67
C LEU C 120 -26.27 -4.35 -7.96
N ALA C 121 -27.13 -3.68 -7.18
CA ALA C 121 -27.25 -2.23 -7.22
C ALA C 121 -25.90 -1.60 -6.93
N PHE C 122 -25.11 -2.14 -5.99
CA PHE C 122 -23.80 -1.62 -5.73
C PHE C 122 -22.87 -1.80 -6.96
N CYS C 123 -22.92 -2.99 -7.59
CA CYS C 123 -22.13 -3.22 -8.76
C CYS C 123 -22.49 -2.20 -9.87
N HIS C 124 -23.83 -2.09 -10.10
CA HIS C 124 -24.24 -1.22 -11.20
C HIS C 124 -23.90 0.25 -10.93
N SER C 125 -23.94 0.67 -9.66
CA SER C 125 -23.53 2.02 -9.31
C SER C 125 -22.08 2.29 -9.48
N HIS C 126 -21.26 1.27 -9.52
CA HIS C 126 -19.82 1.33 -9.69
C HIS C 126 -19.49 0.91 -11.11
N ARG C 127 -20.43 0.91 -12.06
CA ARG C 127 -20.35 0.60 -13.45
C ARG C 127 -19.72 -0.77 -13.74
N VAL C 128 -20.22 -1.77 -13.01
CA VAL C 128 -19.81 -3.15 -13.31
C VAL C 128 -21.04 -3.94 -13.65
N LEU C 129 -20.90 -4.79 -14.63
CA LEU C 129 -21.89 -5.75 -15.07
C LEU C 129 -21.32 -7.12 -14.69
N HIS C 130 -22.12 -7.95 -14.05
CA HIS C 130 -21.65 -9.24 -13.57
C HIS C 130 -21.60 -10.23 -14.70
N ARG C 131 -22.75 -10.44 -15.37
CA ARG C 131 -22.90 -11.27 -16.56
C ARG C 131 -22.80 -12.75 -16.35
N ASP C 132 -22.92 -13.24 -15.08
CA ASP C 132 -22.89 -14.70 -14.97
C ASP C 132 -23.63 -15.09 -13.67
N LEU C 133 -24.63 -14.26 -13.37
CA LEU C 133 -25.41 -14.59 -12.14
C LEU C 133 -26.18 -15.86 -12.32
N LYS C 134 -25.94 -16.85 -11.46
CA LYS C 134 -26.62 -18.15 -11.41
C LYS C 134 -26.31 -18.74 -10.01
N PRO C 135 -27.10 -19.70 -9.55
CA PRO C 135 -26.94 -20.25 -8.22
C PRO C 135 -25.59 -20.76 -7.87
N GLN C 136 -24.76 -21.36 -8.69
CA GLN C 136 -23.43 -21.77 -8.32
C GLN C 136 -22.46 -20.58 -8.03
N ASN C 137 -22.71 -19.36 -8.50
CA ASN C 137 -21.90 -18.20 -8.32
C ASN C 137 -22.45 -17.33 -7.19
N LEU C 138 -23.37 -17.85 -6.39
CA LEU C 138 -23.90 -17.03 -5.26
C LEU C 138 -23.52 -17.76 -3.97
N LEU C 139 -23.02 -17.12 -2.92
CA LEU C 139 -22.45 -17.90 -1.81
C LEU C 139 -23.16 -17.55 -0.52
N ILE C 140 -23.44 -18.58 0.30
CA ILE C 140 -24.13 -18.12 1.54
C ILE C 140 -23.31 -18.47 2.78
N ASN C 141 -23.42 -17.61 3.79
CA ASN C 141 -22.75 -17.90 5.06
C ASN C 141 -23.72 -18.51 6.07
N THR C 142 -23.35 -18.83 7.31
CA THR C 142 -24.18 -19.49 8.31
C THR C 142 -25.00 -18.43 9.01
N GLU C 143 -24.82 -17.15 8.91
CA GLU C 143 -25.59 -16.14 9.62
C GLU C 143 -26.69 -15.49 8.80
N GLY C 144 -26.97 -15.93 7.57
CA GLY C 144 -28.02 -15.37 6.76
C GLY C 144 -27.53 -14.44 5.63
N ALA C 145 -26.18 -14.37 5.38
CA ALA C 145 -25.77 -13.51 4.26
C ALA C 145 -25.68 -14.40 3.03
N ILE C 146 -25.83 -13.69 1.91
CA ILE C 146 -25.53 -14.27 0.61
C ILE C 146 -24.69 -13.25 -0.17
N LYS C 147 -23.75 -13.82 -0.93
CA LYS C 147 -22.92 -12.90 -1.69
C LYS C 147 -22.74 -13.28 -3.15
N LEU C 148 -22.62 -12.22 -3.95
CA LEU C 148 -22.24 -12.38 -5.36
C LEU C 148 -20.83 -12.91 -5.42
N ALA C 149 -20.51 -13.88 -6.26
CA ALA C 149 -19.13 -14.36 -6.40
C ALA C 149 -18.94 -14.60 -7.94
N ASP C 150 -17.72 -14.98 -8.28
CA ASP C 150 -17.26 -15.26 -9.62
C ASP C 150 -17.56 -14.11 -10.63
N PHE C 151 -16.66 -13.16 -10.67
CA PHE C 151 -16.62 -11.96 -11.51
C PHE C 151 -15.72 -12.22 -12.68
N GLY C 152 -15.46 -13.48 -13.08
CA GLY C 152 -14.62 -13.71 -14.26
C GLY C 152 -15.26 -13.34 -15.56
N LEU C 153 -16.61 -13.26 -15.63
CA LEU C 153 -17.25 -12.79 -16.86
C LEU C 153 -17.63 -11.34 -16.72
N ALA C 154 -17.25 -10.65 -15.65
CA ALA C 154 -17.77 -9.29 -15.50
C ALA C 154 -17.06 -8.27 -16.34
N ARG C 155 -17.58 -7.05 -16.42
CA ARG C 155 -16.84 -6.03 -17.12
C ARG C 155 -17.22 -4.64 -16.61
N ALA C 156 -16.34 -3.65 -16.84
CA ALA C 156 -16.72 -2.28 -16.51
C ALA C 156 -17.58 -1.76 -17.67
N PHE C 157 -18.75 -1.12 -17.54
CA PHE C 157 -19.52 -0.68 -18.69
C PHE C 157 -19.41 0.85 -18.77
N GLY C 158 -19.83 1.50 -19.80
CA GLY C 158 -19.54 2.98 -19.79
C GLY C 158 -20.89 3.68 -19.89
N VAL C 159 -20.96 4.96 -19.69
CA VAL C 159 -22.19 5.72 -19.83
C VAL C 159 -22.01 6.39 -21.20
N PRO C 160 -22.99 6.41 -22.06
CA PRO C 160 -23.81 5.31 -22.49
C PRO C 160 -23.04 4.05 -22.84
N VAL C 161 -23.61 2.86 -22.80
CA VAL C 161 -22.90 1.66 -23.21
C VAL C 161 -22.48 1.59 -24.67
N ARG C 162 -21.65 0.61 -25.06
CA ARG C 162 -21.36 0.34 -26.46
C ARG C 162 -21.59 -1.15 -26.63
N THR C 163 -21.40 -1.78 -27.77
CA THR C 163 -21.55 -3.21 -27.91
C THR C 163 -20.48 -3.95 -27.09
N TYR C 164 -20.85 -5.04 -26.41
CA TYR C 164 -19.92 -5.73 -25.56
C TYR C 164 -19.93 -7.17 -26.03
N TPO C 165 -19.19 -8.02 -25.36
CA TPO C 165 -19.23 -9.41 -25.86
CB TPO C 165 -18.34 -10.23 -24.90
CG2 TPO C 165 -18.10 -11.70 -25.27
OG1 TPO C 165 -17.07 -9.49 -24.78
P TPO C 165 -16.55 -8.71 -23.53
O1P TPO C 165 -17.48 -7.63 -23.06
O2P TPO C 165 -16.39 -9.86 -22.44
O3P TPO C 165 -15.16 -7.96 -23.87
C TPO C 165 -20.62 -9.99 -25.92
O TPO C 165 -21.35 -9.79 -24.91
N HIS C 166 -20.82 -10.82 -26.96
CA HIS C 166 -22.05 -11.56 -27.12
C HIS C 166 -22.10 -12.84 -26.33
N GLU C 167 -21.05 -13.66 -26.26
CA GLU C 167 -21.03 -14.91 -25.52
C GLU C 167 -20.98 -14.75 -23.99
N VAL C 168 -22.13 -14.32 -23.47
CA VAL C 168 -22.16 -13.95 -22.02
C VAL C 168 -23.43 -14.58 -21.42
N VAL C 169 -23.47 -14.82 -20.13
CA VAL C 169 -24.48 -15.34 -19.29
C VAL C 169 -24.71 -16.80 -19.58
N THR C 170 -24.69 -17.65 -18.58
CA THR C 170 -25.01 -19.08 -18.68
C THR C 170 -26.44 -19.18 -19.22
N LEU C 171 -26.66 -19.99 -20.22
CA LEU C 171 -27.92 -20.00 -21.04
C LEU C 171 -29.25 -19.98 -20.35
N TRP C 172 -29.39 -20.70 -19.19
CA TRP C 172 -30.69 -20.72 -18.54
C TRP C 172 -31.03 -19.37 -17.91
N TYR C 173 -30.04 -18.52 -17.60
CA TYR C 173 -30.28 -17.23 -16.98
C TYR C 173 -30.10 -16.15 -18.00
N ARG C 174 -29.88 -16.35 -19.28
CA ARG C 174 -29.56 -15.34 -20.30
C ARG C 174 -30.75 -14.55 -20.85
N ALA C 175 -30.72 -13.25 -20.80
CA ALA C 175 -31.82 -12.38 -21.12
C ALA C 175 -32.13 -12.41 -22.63
N PRO C 176 -33.43 -12.22 -22.91
CA PRO C 176 -33.88 -12.21 -24.33
C PRO C 176 -33.17 -11.20 -25.20
N GLU C 177 -32.72 -10.02 -24.80
CA GLU C 177 -31.97 -9.13 -25.71
C GLU C 177 -30.64 -9.75 -26.11
N ILE C 178 -30.03 -10.63 -25.26
CA ILE C 178 -28.80 -11.31 -25.64
C ILE C 178 -29.02 -12.45 -26.63
N LEU C 179 -29.92 -13.38 -26.39
CA LEU C 179 -30.28 -14.48 -27.27
C LEU C 179 -30.65 -14.00 -28.68
N LEU C 180 -31.41 -12.95 -28.80
CA LEU C 180 -31.87 -12.37 -30.05
C LEU C 180 -30.80 -11.50 -30.67
N GLY C 181 -29.67 -11.19 -30.05
CA GLY C 181 -28.68 -10.27 -30.53
C GLY C 181 -28.95 -8.78 -30.54
N CYS C 182 -29.51 -7.98 -29.61
CA CYS C 182 -29.59 -6.55 -29.81
C CYS C 182 -28.12 -6.12 -29.97
N LYS C 183 -28.05 -4.96 -30.53
CA LYS C 183 -26.76 -4.27 -30.65
C LYS C 183 -26.29 -4.07 -29.21
N TYR C 184 -27.09 -3.49 -28.33
CA TYR C 184 -26.70 -3.07 -26.99
C TYR C 184 -27.35 -3.94 -25.91
N TYR C 185 -26.77 -4.03 -24.73
CA TYR C 185 -27.32 -4.76 -23.57
C TYR C 185 -26.63 -4.08 -22.42
N SER C 186 -27.24 -3.96 -21.24
CA SER C 186 -26.59 -3.28 -20.11
C SER C 186 -27.09 -3.99 -18.83
N THR C 187 -27.31 -3.23 -17.77
CA THR C 187 -27.57 -3.68 -16.44
C THR C 187 -28.77 -4.59 -16.29
N ALA C 188 -29.80 -4.39 -17.17
CA ALA C 188 -30.95 -5.17 -17.29
C ALA C 188 -30.63 -6.68 -17.42
N VAL C 189 -29.56 -7.08 -18.05
CA VAL C 189 -29.29 -8.53 -18.19
C VAL C 189 -29.05 -9.21 -16.81
N ASP C 190 -28.52 -8.46 -15.83
CA ASP C 190 -28.29 -9.09 -14.53
C ASP C 190 -29.62 -9.25 -13.76
N ILE C 191 -30.48 -8.25 -13.74
CA ILE C 191 -31.80 -8.33 -13.22
C ILE C 191 -32.60 -9.49 -13.81
N TRP C 192 -32.45 -9.74 -15.14
CA TRP C 192 -33.15 -10.88 -15.72
C TRP C 192 -32.67 -12.17 -15.02
N SER C 193 -31.34 -12.29 -14.88
CA SER C 193 -30.81 -13.51 -14.27
C SER C 193 -31.29 -13.60 -12.80
N LEU C 194 -31.33 -12.46 -12.11
CA LEU C 194 -31.88 -12.51 -10.75
C LEU C 194 -33.35 -12.94 -10.69
N GLY C 195 -34.18 -12.43 -11.58
CA GLY C 195 -35.56 -12.91 -11.72
C GLY C 195 -35.69 -14.37 -11.95
N CYS C 196 -34.82 -14.96 -12.79
CA CYS C 196 -34.77 -16.40 -12.96
C CYS C 196 -34.33 -17.16 -11.70
N ILE C 197 -33.47 -16.55 -10.87
CA ILE C 197 -32.98 -17.18 -9.67
C ILE C 197 -34.08 -17.08 -8.60
N PHE C 198 -34.76 -15.95 -8.53
CA PHE C 198 -35.86 -15.79 -7.60
C PHE C 198 -36.86 -16.93 -7.80
N ALA C 199 -37.34 -17.04 -9.02
CA ALA C 199 -38.34 -18.10 -9.32
C ALA C 199 -37.81 -19.48 -8.95
N GLU C 200 -36.54 -19.67 -9.36
CA GLU C 200 -35.95 -21.00 -9.15
C GLU C 200 -35.86 -21.29 -7.64
N MET C 201 -35.62 -20.30 -6.79
CA MET C 201 -35.60 -20.61 -5.36
C MET C 201 -37.06 -21.00 -5.04
N VAL C 202 -38.02 -20.20 -5.47
CA VAL C 202 -39.43 -20.45 -5.11
C VAL C 202 -39.92 -21.82 -5.51
N THR C 203 -39.71 -22.30 -6.73
CA THR C 203 -40.36 -23.51 -7.21
C THR C 203 -39.41 -24.67 -7.19
N ARG C 204 -38.21 -24.42 -6.69
CA ARG C 204 -37.21 -25.50 -6.64
C ARG C 204 -36.75 -25.98 -7.99
N ARG C 205 -36.94 -25.28 -9.12
CA ARG C 205 -36.46 -25.81 -10.41
C ARG C 205 -36.15 -24.65 -11.36
N ALA C 206 -35.26 -24.83 -12.29
CA ALA C 206 -34.88 -23.69 -13.13
C ALA C 206 -36.10 -23.21 -13.88
N LEU C 207 -36.26 -21.91 -13.95
CA LEU C 207 -37.37 -21.29 -14.62
C LEU C 207 -37.36 -21.63 -16.09
N PHE C 208 -36.25 -21.49 -16.83
CA PHE C 208 -36.20 -21.73 -18.26
C PHE C 208 -35.02 -22.60 -18.62
N PRO C 209 -35.12 -23.90 -18.46
CA PRO C 209 -34.07 -24.85 -18.73
C PRO C 209 -33.91 -25.28 -20.19
N GLY C 210 -33.55 -24.29 -21.00
CA GLY C 210 -33.27 -24.43 -22.42
C GLY C 210 -32.14 -25.37 -22.72
N ASP C 211 -32.22 -26.11 -23.83
CA ASP C 211 -31.08 -26.97 -24.20
C ASP C 211 -30.40 -26.40 -25.43
N SER C 212 -30.81 -25.21 -25.86
CA SER C 212 -30.16 -24.50 -26.95
C SER C 212 -30.72 -23.06 -26.91
N GLU C 213 -30.10 -22.13 -27.56
CA GLU C 213 -30.57 -20.77 -27.72
C GLU C 213 -31.99 -20.65 -28.21
N ILE C 214 -32.38 -21.39 -29.23
CA ILE C 214 -33.73 -21.34 -29.81
C ILE C 214 -34.68 -22.02 -28.81
N ASP C 215 -34.32 -23.21 -28.29
CA ASP C 215 -35.13 -23.79 -27.19
C ASP C 215 -35.23 -22.91 -25.95
N GLN C 216 -34.17 -22.15 -25.58
CA GLN C 216 -34.19 -21.19 -24.51
C GLN C 216 -35.24 -20.16 -24.86
N LEU C 217 -35.14 -19.48 -26.01
CA LEU C 217 -36.17 -18.50 -26.35
C LEU C 217 -37.60 -19.07 -26.39
N PHE C 218 -37.82 -20.32 -26.74
CA PHE C 218 -39.19 -20.78 -26.76
C PHE C 218 -39.72 -21.03 -25.34
N ARG C 219 -38.87 -21.52 -24.40
CA ARG C 219 -39.42 -21.72 -23.05
C ARG C 219 -39.82 -20.36 -22.48
N ILE C 220 -38.98 -19.37 -22.75
CA ILE C 220 -39.30 -18.02 -22.25
C ILE C 220 -40.66 -17.69 -22.91
N PHE C 221 -40.76 -17.82 -24.24
CA PHE C 221 -42.00 -17.46 -24.95
C PHE C 221 -43.25 -18.20 -24.47
N ARG C 222 -43.20 -19.50 -24.19
CA ARG C 222 -44.30 -20.22 -23.65
C ARG C 222 -44.72 -19.66 -22.30
N THR C 223 -43.72 -19.19 -21.50
CA THR C 223 -44.15 -18.81 -20.17
C THR C 223 -44.62 -17.38 -20.13
N LEU C 224 -43.91 -16.49 -20.85
CA LEU C 224 -44.25 -15.08 -20.64
C LEU C 224 -45.09 -14.51 -21.79
N GLY C 225 -45.27 -15.33 -22.82
CA GLY C 225 -46.01 -14.78 -23.96
C GLY C 225 -45.00 -14.40 -25.07
N THR C 226 -45.38 -14.69 -26.33
CA THR C 226 -44.52 -14.23 -27.42
C THR C 226 -44.47 -12.73 -27.46
N PRO C 227 -43.32 -12.11 -27.35
CA PRO C 227 -43.30 -10.65 -27.33
C PRO C 227 -43.81 -10.11 -28.68
N ASP C 228 -44.32 -8.90 -28.69
CA ASP C 228 -44.73 -8.25 -29.93
C ASP C 228 -44.38 -6.78 -29.74
N GLU C 229 -44.61 -5.96 -30.75
CA GLU C 229 -44.31 -4.54 -30.68
C GLU C 229 -44.96 -3.73 -29.58
N VAL C 230 -46.07 -4.17 -29.01
CA VAL C 230 -46.73 -3.43 -27.94
C VAL C 230 -45.90 -3.59 -26.67
N VAL C 231 -45.51 -4.85 -26.42
CA VAL C 231 -44.73 -5.16 -25.20
C VAL C 231 -43.27 -4.73 -25.37
N TRP C 232 -42.72 -4.94 -26.57
CA TRP C 232 -41.33 -4.60 -26.83
C TRP C 232 -41.11 -3.94 -28.19
N PRO C 233 -41.25 -2.63 -28.26
CA PRO C 233 -41.15 -1.85 -29.50
C PRO C 233 -39.85 -2.21 -30.22
N GLY C 234 -39.94 -2.53 -31.50
CA GLY C 234 -38.79 -2.97 -32.27
C GLY C 234 -38.47 -4.44 -32.24
N VAL C 235 -39.03 -5.26 -31.34
CA VAL C 235 -38.70 -6.68 -31.31
C VAL C 235 -38.74 -7.28 -32.72
N THR C 236 -39.82 -6.92 -33.45
CA THR C 236 -39.99 -7.42 -34.79
C THR C 236 -38.83 -7.12 -35.73
N SER C 237 -38.08 -6.05 -35.54
CA SER C 237 -36.93 -5.72 -36.37
C SER C 237 -35.65 -6.36 -35.84
N MET C 238 -35.57 -6.79 -34.59
CA MET C 238 -34.38 -7.36 -33.99
C MET C 238 -33.69 -8.44 -34.82
N PRO C 239 -32.38 -8.35 -34.91
CA PRO C 239 -31.56 -9.30 -35.66
C PRO C 239 -32.07 -10.71 -35.74
N ASP C 240 -32.12 -11.47 -34.64
CA ASP C 240 -32.52 -12.88 -34.76
C ASP C 240 -34.03 -13.13 -34.77
N TYR C 241 -34.79 -12.20 -34.17
CA TYR C 241 -36.23 -12.33 -34.11
C TYR C 241 -36.75 -12.84 -35.46
N LYS C 242 -37.53 -13.93 -35.44
CA LYS C 242 -38.05 -14.45 -36.71
C LYS C 242 -39.57 -14.36 -36.67
N PRO C 243 -40.17 -13.69 -37.67
CA PRO C 243 -41.59 -13.54 -37.87
C PRO C 243 -42.47 -14.76 -37.66
N SER C 244 -41.89 -15.94 -37.88
CA SER C 244 -42.71 -17.15 -37.75
C SER C 244 -42.92 -17.57 -36.29
N PHE C 245 -42.09 -17.05 -35.36
CA PHE C 245 -42.21 -17.54 -33.98
C PHE C 245 -43.67 -17.78 -33.59
N PRO C 246 -43.92 -18.93 -32.99
CA PRO C 246 -45.24 -19.31 -32.48
C PRO C 246 -45.88 -18.22 -31.65
N LYS C 247 -47.20 -18.13 -31.51
CA LYS C 247 -47.79 -16.99 -30.79
C LYS C 247 -48.35 -17.43 -29.44
N TRP C 248 -47.48 -17.70 -28.46
CA TRP C 248 -47.98 -18.16 -27.17
C TRP C 248 -48.50 -16.99 -26.36
N ALA C 249 -49.47 -17.30 -25.51
CA ALA C 249 -50.06 -16.31 -24.59
C ALA C 249 -49.26 -16.34 -23.28
N ARG C 250 -49.18 -15.26 -22.55
CA ARG C 250 -48.51 -15.28 -21.24
C ARG C 250 -49.20 -16.13 -20.20
N GLN C 251 -48.53 -16.85 -19.34
CA GLN C 251 -49.16 -17.64 -18.31
C GLN C 251 -49.48 -16.91 -17.04
N ASP C 252 -50.50 -17.34 -16.28
CA ASP C 252 -50.75 -16.68 -15.01
C ASP C 252 -49.62 -17.09 -14.04
N PHE C 253 -49.06 -16.12 -13.36
CA PHE C 253 -47.99 -16.22 -12.37
C PHE C 253 -48.45 -16.93 -11.11
N SER C 254 -49.78 -17.21 -11.04
CA SER C 254 -50.27 -17.97 -9.91
C SER C 254 -49.96 -19.41 -10.30
N LYS C 255 -49.67 -19.69 -11.56
CA LYS C 255 -49.26 -21.04 -11.93
C LYS C 255 -47.72 -21.06 -12.06
N VAL C 256 -47.13 -19.94 -12.50
CA VAL C 256 -45.69 -19.98 -12.74
C VAL C 256 -44.97 -20.09 -11.39
N VAL C 257 -45.40 -19.28 -10.43
CA VAL C 257 -44.83 -19.36 -9.09
C VAL C 257 -45.87 -19.46 -8.00
N PRO C 258 -46.52 -20.64 -7.82
CA PRO C 258 -47.60 -20.84 -6.86
C PRO C 258 -47.42 -20.31 -5.49
N PRO C 259 -46.26 -20.45 -4.83
CA PRO C 259 -46.17 -20.02 -3.44
C PRO C 259 -46.16 -18.56 -3.23
N LEU C 260 -46.00 -17.71 -4.22
CA LEU C 260 -45.81 -16.27 -4.00
C LEU C 260 -47.14 -15.55 -3.87
N ASP C 261 -47.22 -14.54 -3.06
CA ASP C 261 -48.28 -13.61 -2.79
C ASP C 261 -48.32 -12.70 -4.02
N GLU C 262 -49.13 -11.66 -4.05
CA GLU C 262 -49.26 -10.71 -5.11
C GLU C 262 -48.05 -9.80 -5.21
N ASP C 263 -47.34 -9.48 -4.16
CA ASP C 263 -46.12 -8.70 -4.18
C ASP C 263 -44.98 -9.48 -4.84
N GLY C 264 -44.82 -10.75 -4.59
CA GLY C 264 -43.85 -11.61 -5.19
C GLY C 264 -44.06 -11.65 -6.69
N ARG C 265 -45.27 -11.98 -7.07
CA ARG C 265 -45.69 -12.03 -8.43
C ARG C 265 -45.48 -10.68 -9.15
N SER C 266 -45.70 -9.52 -8.57
CA SER C 266 -45.49 -8.28 -9.31
C SER C 266 -43.99 -8.06 -9.55
N LEU C 267 -43.17 -8.26 -8.48
CA LEU C 267 -41.75 -8.12 -8.49
C LEU C 267 -41.19 -9.10 -9.50
N LEU C 268 -41.54 -10.38 -9.54
CA LEU C 268 -40.98 -11.28 -10.54
C LEU C 268 -41.30 -10.83 -11.99
N SER C 269 -42.53 -10.32 -12.22
CA SER C 269 -42.86 -9.95 -13.57
C SER C 269 -42.12 -8.68 -13.98
N GLN C 270 -41.86 -7.73 -13.16
CA GLN C 270 -41.14 -6.52 -13.44
C GLN C 270 -39.68 -6.85 -13.73
N MET C 271 -39.17 -7.99 -13.21
CA MET C 271 -37.78 -8.37 -13.34
C MET C 271 -37.57 -9.12 -14.63
N LEU C 272 -38.66 -9.67 -15.16
CA LEU C 272 -38.67 -10.38 -16.41
C LEU C 272 -39.40 -9.58 -17.49
N HIS C 273 -39.58 -8.29 -17.39
CA HIS C 273 -40.16 -7.59 -18.55
C HIS C 273 -39.24 -7.86 -19.77
N TYR C 274 -39.86 -8.14 -20.90
CA TYR C 274 -39.15 -8.29 -22.15
C TYR C 274 -38.17 -7.20 -22.57
N ASP C 275 -38.63 -5.97 -22.50
CA ASP C 275 -37.94 -4.78 -22.90
C ASP C 275 -37.07 -4.30 -21.78
N PRO C 276 -35.76 -4.18 -22.08
CA PRO C 276 -34.78 -3.94 -21.03
C PRO C 276 -34.93 -2.58 -20.45
N ASN C 277 -35.49 -1.63 -21.20
CA ASN C 277 -35.67 -0.29 -20.63
C ASN C 277 -36.88 -0.31 -19.72
N LYS C 278 -37.79 -1.31 -19.84
CA LYS C 278 -38.87 -1.23 -18.85
C LYS C 278 -38.49 -2.09 -17.64
N ARG C 279 -37.53 -3.01 -17.74
CA ARG C 279 -37.15 -3.95 -16.72
C ARG C 279 -36.80 -3.18 -15.45
N ILE C 280 -37.33 -3.60 -14.30
CA ILE C 280 -37.02 -2.81 -13.10
C ILE C 280 -35.51 -2.86 -12.82
N SER C 281 -34.95 -1.83 -12.24
CA SER C 281 -33.55 -1.74 -11.88
C SER C 281 -33.37 -2.41 -10.51
N ALA C 282 -32.11 -2.63 -10.14
CA ALA C 282 -31.80 -3.22 -8.84
C ALA C 282 -32.14 -2.21 -7.74
N LYS C 283 -31.88 -0.94 -7.97
CA LYS C 283 -32.29 0.08 -7.00
C LYS C 283 -33.80 0.21 -6.86
N ALA C 284 -34.55 0.26 -7.97
CA ALA C 284 -36.00 0.38 -7.83
C ALA C 284 -36.52 -0.91 -7.16
N ALA C 285 -36.09 -2.11 -7.54
CA ALA C 285 -36.49 -3.38 -6.95
C ALA C 285 -36.47 -3.36 -5.42
N LEU C 286 -35.46 -2.75 -4.83
CA LEU C 286 -35.34 -2.65 -3.39
C LEU C 286 -36.47 -1.91 -2.68
N ALA C 287 -37.14 -1.01 -3.39
CA ALA C 287 -38.21 -0.19 -2.85
C ALA C 287 -39.55 -0.86 -3.10
N HIS C 288 -39.58 -1.98 -3.79
CA HIS C 288 -40.86 -2.65 -4.06
C HIS C 288 -41.51 -3.16 -2.77
N PRO C 289 -42.83 -3.03 -2.70
CA PRO C 289 -43.64 -3.44 -1.57
C PRO C 289 -43.32 -4.79 -0.99
N PHE C 290 -43.03 -5.80 -1.82
CA PHE C 290 -42.59 -7.12 -1.42
C PHE C 290 -41.54 -7.11 -0.33
N PHE C 291 -40.67 -6.11 -0.25
CA PHE C 291 -39.63 -6.13 0.76
C PHE C 291 -40.03 -5.22 1.91
N GLN C 292 -41.29 -4.80 1.97
CA GLN C 292 -41.67 -3.94 3.11
C GLN C 292 -41.53 -4.71 4.41
N ASP C 293 -41.62 -6.03 4.45
CA ASP C 293 -41.37 -6.75 5.69
C ASP C 293 -40.21 -7.72 5.53
N VAL C 294 -39.11 -7.30 4.87
CA VAL C 294 -38.01 -8.21 4.65
C VAL C 294 -37.30 -8.41 6.01
N THR C 295 -36.93 -9.63 6.30
CA THR C 295 -36.22 -9.88 7.56
C THR C 295 -34.87 -10.43 7.16
N LYS C 296 -34.06 -10.83 8.09
CA LYS C 296 -32.81 -11.52 7.91
C LYS C 296 -32.77 -12.80 8.73
N PRO C 297 -33.41 -13.88 8.29
CA PRO C 297 -33.33 -15.17 8.93
C PRO C 297 -32.02 -15.91 8.74
N VAL C 298 -31.76 -16.92 9.51
CA VAL C 298 -30.57 -17.75 9.41
C VAL C 298 -30.97 -19.02 8.71
N PRO C 299 -30.20 -19.52 7.78
CA PRO C 299 -30.56 -20.75 7.09
C PRO C 299 -30.48 -21.94 8.02
N HIS C 300 -31.07 -23.08 7.66
CA HIS C 300 -30.91 -24.25 8.53
C HIS C 300 -29.82 -25.13 7.96
N LEU C 301 -28.63 -25.06 8.49
CA LEU C 301 -27.44 -25.76 8.01
C LEU C 301 -27.02 -26.99 8.86
N VAL D 1 -31.84 8.68 -19.69
CA VAL D 1 -32.65 7.46 -19.83
C VAL D 1 -32.22 6.39 -18.82
N PRO D 2 -30.95 6.06 -18.85
CA PRO D 2 -30.41 4.97 -18.07
C PRO D 2 -30.07 5.27 -16.64
N ASP D 3 -30.67 4.48 -15.75
CA ASP D 3 -30.39 4.49 -14.33
C ASP D 3 -28.88 4.62 -14.07
N TYR D 4 -28.49 4.76 -12.80
CA TYR D 4 -27.19 4.84 -12.21
C TYR D 4 -26.16 5.83 -12.72
N HIS D 5 -26.49 6.68 -13.65
CA HIS D 5 -25.63 7.65 -14.24
C HIS D 5 -25.06 8.57 -13.20
N GLU D 6 -25.89 9.08 -12.30
CA GLU D 6 -25.31 10.03 -11.35
C GLU D 6 -24.40 9.36 -10.38
N ASP D 7 -24.66 8.16 -9.91
CA ASP D 7 -23.80 7.48 -8.95
C ASP D 7 -22.46 7.14 -9.63
N ILE D 8 -22.58 6.72 -10.92
CA ILE D 8 -21.37 6.37 -11.67
C ILE D 8 -20.46 7.61 -11.78
N HIS D 9 -21.10 8.76 -12.04
CA HIS D 9 -20.35 10.01 -12.24
C HIS D 9 -19.68 10.38 -10.93
N THR D 10 -20.41 10.28 -9.80
CA THR D 10 -19.84 10.61 -8.52
C THR D 10 -18.70 9.67 -8.29
N TYR D 11 -18.90 8.35 -8.51
CA TYR D 11 -17.82 7.41 -8.21
C TYR D 11 -16.61 7.66 -9.12
N LEU D 12 -16.76 7.95 -10.38
CA LEU D 12 -15.63 8.32 -11.22
C LEU D 12 -14.98 9.58 -10.71
N ARG D 13 -15.74 10.54 -10.16
CA ARG D 13 -15.14 11.74 -9.63
C ARG D 13 -14.26 11.43 -8.43
N GLU D 14 -14.59 10.48 -7.63
CA GLU D 14 -13.68 10.11 -6.52
C GLU D 14 -12.57 9.24 -7.00
N MET D 15 -12.72 8.40 -8.06
CA MET D 15 -11.61 7.53 -8.47
C MET D 15 -10.59 8.30 -9.31
N GLU D 16 -11.00 9.41 -9.97
CA GLU D 16 -9.92 10.08 -10.74
C GLU D 16 -8.89 10.71 -9.84
N VAL D 17 -9.27 11.11 -8.62
CA VAL D 17 -8.34 11.63 -7.66
C VAL D 17 -7.40 10.52 -7.21
N LYS D 18 -7.88 9.35 -6.85
CA LYS D 18 -7.01 8.31 -6.39
C LYS D 18 -6.14 7.70 -7.46
N CYS D 19 -6.53 7.64 -8.71
CA CYS D 19 -5.75 7.01 -9.78
C CYS D 19 -4.80 8.00 -10.47
N LYS D 20 -4.74 9.20 -9.91
CA LYS D 20 -3.93 10.26 -10.48
C LYS D 20 -2.45 9.98 -10.32
N PRO D 21 -1.71 10.01 -11.40
CA PRO D 21 -0.28 9.84 -11.47
C PRO D 21 0.45 10.92 -10.67
N LYS D 22 1.73 10.75 -10.37
CA LYS D 22 2.42 11.83 -9.66
C LYS D 22 2.88 12.88 -10.68
N VAL D 23 2.32 14.08 -10.49
CA VAL D 23 2.55 15.21 -11.34
C VAL D 23 4.02 15.53 -11.61
N GLY D 24 5.06 15.61 -10.80
CA GLY D 24 6.33 15.94 -11.54
C GLY D 24 7.24 14.74 -11.68
N TYR D 25 6.68 13.51 -11.89
CA TYR D 25 7.58 12.36 -11.90
C TYR D 25 8.71 12.48 -12.91
N MET D 26 8.56 13.00 -14.09
CA MET D 26 9.56 13.10 -15.12
C MET D 26 10.81 13.84 -14.64
N LYS D 27 10.73 14.83 -13.77
CA LYS D 27 11.93 15.44 -13.21
C LYS D 27 12.75 14.43 -12.44
N LYS D 28 12.19 13.36 -11.87
CA LYS D 28 12.93 12.35 -11.13
C LYS D 28 13.31 11.16 -11.98
N GLN D 29 13.03 11.07 -13.28
CA GLN D 29 13.48 9.95 -14.09
C GLN D 29 14.90 10.28 -14.59
N PRO D 30 15.84 9.37 -14.38
CA PRO D 30 17.25 9.65 -14.71
C PRO D 30 17.51 9.65 -16.18
N ASP D 31 16.65 9.00 -17.00
CA ASP D 31 17.00 8.81 -18.40
C ASP D 31 15.93 9.23 -19.36
N ILE D 32 14.65 9.29 -18.99
CA ILE D 32 13.61 9.62 -19.99
C ILE D 32 13.12 11.01 -19.72
N THR D 33 12.55 11.62 -20.76
CA THR D 33 12.09 13.01 -20.69
C THR D 33 10.68 12.93 -21.29
N ASN D 34 10.00 14.06 -21.24
CA ASN D 34 8.65 14.30 -21.69
C ASN D 34 8.53 14.15 -23.19
N SER D 35 9.66 14.45 -23.83
CA SER D 35 9.67 14.43 -25.30
C SER D 35 9.68 13.01 -25.74
N MET D 36 10.39 12.14 -25.04
CA MET D 36 10.40 10.70 -25.20
C MET D 36 9.00 10.11 -24.85
N ARG D 37 8.39 10.57 -23.79
CA ARG D 37 7.03 10.10 -23.46
C ARG D 37 6.05 10.49 -24.58
N ALA D 38 6.14 11.66 -25.20
CA ALA D 38 5.37 12.05 -26.34
C ALA D 38 5.62 11.13 -27.54
N ILE D 39 6.92 10.83 -27.81
CA ILE D 39 7.16 9.93 -28.95
C ILE D 39 6.41 8.62 -28.63
N LEU D 40 6.55 8.00 -27.46
CA LEU D 40 5.82 6.78 -27.13
C LEU D 40 4.30 6.93 -27.25
N VAL D 41 3.67 7.93 -26.66
CA VAL D 41 2.22 8.08 -26.75
C VAL D 41 1.69 8.27 -28.19
N ASP D 42 2.42 8.95 -29.08
CA ASP D 42 2.06 9.16 -30.47
C ASP D 42 2.12 7.84 -31.20
N TRP D 43 3.14 7.03 -30.88
CA TRP D 43 3.24 5.71 -31.51
C TRP D 43 2.09 4.81 -31.01
N LEU D 44 1.62 4.94 -29.75
CA LEU D 44 0.54 4.11 -29.21
C LEU D 44 -0.80 4.48 -29.92
N VAL D 45 -0.97 5.75 -30.31
CA VAL D 45 -2.15 6.10 -31.15
C VAL D 45 -2.10 5.36 -32.45
N GLU D 46 -0.86 5.28 -33.03
CA GLU D 46 -0.70 4.59 -34.27
C GLU D 46 -1.06 3.14 -34.08
N VAL D 47 -0.58 2.46 -33.05
CA VAL D 47 -0.94 1.07 -32.79
C VAL D 47 -2.47 0.99 -32.65
N GLY D 48 -3.09 1.91 -31.88
CA GLY D 48 -4.53 1.87 -31.71
C GLY D 48 -5.31 1.97 -33.06
N GLU D 49 -4.84 2.77 -33.99
CA GLU D 49 -5.40 2.85 -35.35
C GLU D 49 -5.07 1.62 -36.16
N GLU D 50 -3.87 1.07 -36.08
CA GLU D 50 -3.60 -0.15 -36.89
C GLU D 50 -4.43 -1.32 -36.46
N TYR D 51 -4.57 -1.56 -35.14
CA TYR D 51 -5.36 -2.68 -34.63
C TYR D 51 -6.81 -2.29 -34.37
N LYS D 52 -7.24 -1.07 -34.68
CA LYS D 52 -8.65 -0.67 -34.54
C LYS D 52 -9.05 -0.83 -33.05
N LEU D 53 -8.21 -0.30 -32.15
CA LEU D 53 -8.49 -0.44 -30.73
C LEU D 53 -9.42 0.70 -30.36
N GLN D 54 -10.23 0.59 -29.34
CA GLN D 54 -11.02 1.71 -28.89
C GLN D 54 -10.18 2.87 -28.45
N ASN D 55 -10.66 4.12 -28.58
CA ASN D 55 -9.94 5.18 -27.95
C ASN D 55 -9.76 4.97 -26.43
N GLU D 56 -10.81 4.42 -25.73
CA GLU D 56 -10.70 4.11 -24.34
C GLU D 56 -9.46 3.25 -24.04
N THR D 57 -9.14 2.22 -24.78
CA THR D 57 -7.90 1.47 -24.59
C THR D 57 -6.69 2.35 -24.57
N LEU D 58 -6.51 3.31 -25.47
CA LEU D 58 -5.33 4.18 -25.50
C LEU D 58 -5.26 5.03 -24.26
N HIS D 59 -6.43 5.61 -23.87
CA HIS D 59 -6.39 6.43 -22.63
C HIS D 59 -6.01 5.66 -21.38
N LEU D 60 -6.41 4.37 -21.29
CA LEU D 60 -6.11 3.53 -20.16
C LEU D 60 -4.61 3.26 -20.13
N ALA D 61 -4.12 2.88 -21.32
CA ALA D 61 -2.68 2.59 -21.50
C ALA D 61 -1.90 3.75 -20.99
N VAL D 62 -2.20 4.98 -21.45
CA VAL D 62 -1.48 6.15 -20.96
C VAL D 62 -1.56 6.29 -19.47
N ASN D 63 -2.75 6.03 -18.88
CA ASN D 63 -3.01 6.04 -17.48
C ASN D 63 -2.04 5.02 -16.82
N TYR D 64 -1.95 3.81 -17.37
CA TYR D 64 -1.04 2.88 -16.73
C TYR D 64 0.43 3.31 -16.84
N ILE D 65 0.85 3.85 -18.01
CA ILE D 65 2.25 4.23 -18.14
C ILE D 65 2.57 5.38 -17.16
N ASP D 66 1.68 6.43 -17.02
CA ASP D 66 2.14 7.50 -16.13
C ASP D 66 2.23 7.03 -14.70
N ARG D 67 1.35 6.10 -14.26
CA ARG D 67 1.40 5.61 -12.89
C ARG D 67 2.57 4.70 -12.72
N PHE D 68 2.91 3.81 -13.65
CA PHE D 68 4.10 2.96 -13.47
C PHE D 68 5.35 3.87 -13.42
N LEU D 69 5.46 4.90 -14.27
CA LEU D 69 6.63 5.75 -14.25
C LEU D 69 6.73 6.71 -13.05
N SER D 70 5.66 6.89 -12.32
CA SER D 70 5.54 7.65 -11.10
C SER D 70 6.33 6.92 -10.03
N SER D 71 6.49 5.61 -10.09
CA SER D 71 7.30 4.95 -9.14
C SER D 71 8.46 4.12 -9.71
N MET D 72 8.68 3.98 -11.03
CA MET D 72 9.75 3.07 -11.47
C MET D 72 10.68 3.76 -12.46
N SER D 73 11.99 3.88 -12.20
CA SER D 73 12.85 4.49 -13.20
C SER D 73 13.04 3.47 -14.31
N VAL D 74 13.06 3.97 -15.53
CA VAL D 74 13.10 3.11 -16.73
C VAL D 74 14.09 3.73 -17.71
N LEU D 75 14.93 2.98 -18.37
CA LEU D 75 15.90 3.51 -19.31
C LEU D 75 15.22 3.61 -20.64
N ARG D 76 15.66 4.58 -21.43
CA ARG D 76 15.08 4.84 -22.75
C ARG D 76 14.83 3.63 -23.59
N GLY D 77 15.72 2.63 -23.63
CA GLY D 77 15.43 1.52 -24.51
C GLY D 77 14.37 0.58 -23.92
N LYS D 78 13.84 0.82 -22.69
CA LYS D 78 12.86 -0.13 -22.23
C LYS D 78 11.49 0.58 -22.19
N LEU D 79 11.42 1.84 -22.43
CA LEU D 79 10.24 2.68 -22.41
C LEU D 79 9.17 2.17 -23.39
N GLN D 80 9.54 1.69 -24.57
CA GLN D 80 8.52 1.12 -25.44
C GLN D 80 8.07 -0.22 -24.91
N LEU D 81 8.80 -0.90 -24.07
CA LEU D 81 8.43 -2.21 -23.56
C LEU D 81 7.38 -1.96 -22.44
N VAL D 82 7.54 -0.90 -21.66
CA VAL D 82 6.58 -0.52 -20.66
C VAL D 82 5.23 -0.23 -21.36
N GLY D 83 5.26 0.55 -22.38
CA GLY D 83 4.27 1.01 -23.25
C GLY D 83 3.50 -0.10 -23.92
N THR D 84 4.15 -1.14 -24.42
CA THR D 84 3.52 -2.26 -25.07
C THR D 84 2.76 -3.14 -24.10
N ALA D 85 3.32 -3.33 -22.93
CA ALA D 85 2.71 -4.13 -21.86
C ALA D 85 1.42 -3.41 -21.37
N ALA D 86 1.51 -2.08 -21.28
CA ALA D 86 0.37 -1.29 -20.86
C ALA D 86 -0.84 -1.40 -21.81
N MET D 87 -0.63 -1.38 -23.08
CA MET D 87 -1.53 -1.50 -24.20
C MET D 87 -2.06 -2.89 -24.26
N LEU D 88 -1.27 -3.94 -24.02
CA LEU D 88 -1.74 -5.30 -23.90
C LEU D 88 -2.71 -5.38 -22.70
N LEU D 89 -2.34 -4.81 -21.54
CA LEU D 89 -3.22 -4.93 -20.38
C LEU D 89 -4.52 -4.15 -20.56
N ALA D 90 -4.39 -2.97 -21.14
CA ALA D 90 -5.53 -2.10 -21.39
C ALA D 90 -6.50 -2.77 -22.36
N SER D 91 -5.94 -3.47 -23.35
CA SER D 91 -6.76 -4.23 -24.28
C SER D 91 -7.46 -5.43 -23.67
N LYS D 92 -6.78 -6.18 -22.80
CA LYS D 92 -7.41 -7.30 -22.13
C LYS D 92 -8.52 -6.73 -21.21
N PHE D 93 -8.38 -5.57 -20.61
CA PHE D 93 -9.37 -5.02 -19.73
C PHE D 93 -10.60 -4.61 -20.59
N GLU D 94 -10.31 -3.83 -21.64
CA GLU D 94 -11.38 -3.17 -22.37
C GLU D 94 -11.91 -3.74 -23.67
N GLU D 95 -11.12 -4.47 -24.44
CA GLU D 95 -11.62 -4.89 -25.75
C GLU D 95 -12.39 -6.16 -25.72
N ILE D 96 -13.35 -6.31 -26.71
CA ILE D 96 -13.99 -7.60 -26.81
C ILE D 96 -13.00 -8.55 -27.41
N TYR D 97 -12.13 -8.16 -28.37
CA TYR D 97 -11.16 -9.13 -28.96
C TYR D 97 -9.77 -8.55 -28.86
N PRO D 98 -9.08 -8.59 -27.73
CA PRO D 98 -7.81 -7.88 -27.69
C PRO D 98 -6.82 -8.58 -28.62
N PRO D 99 -5.85 -7.87 -29.13
CA PRO D 99 -4.72 -8.55 -29.82
C PRO D 99 -3.94 -9.36 -28.78
N GLU D 100 -3.35 -10.54 -29.11
CA GLU D 100 -2.58 -11.24 -28.12
C GLU D 100 -1.16 -10.73 -28.08
N VAL D 101 -0.39 -11.29 -27.12
CA VAL D 101 1.00 -10.82 -27.04
C VAL D 101 1.79 -10.99 -28.33
N ALA D 102 1.72 -12.08 -29.10
CA ALA D 102 2.56 -12.07 -30.37
C ALA D 102 2.18 -10.96 -31.28
N GLU D 103 0.91 -10.52 -31.26
CA GLU D 103 0.52 -9.42 -32.14
C GLU D 103 1.14 -8.12 -31.68
N PHE D 104 1.24 -7.93 -30.36
CA PHE D 104 1.90 -6.67 -29.88
C PHE D 104 3.41 -6.78 -30.17
N VAL D 105 3.99 -7.98 -30.08
CA VAL D 105 5.43 -8.05 -30.42
C VAL D 105 5.62 -7.66 -31.89
N TYR D 106 4.75 -8.25 -32.73
CA TYR D 106 4.75 -8.01 -34.16
C TYR D 106 4.74 -6.55 -34.42
N ILE D 107 3.84 -5.76 -33.80
CA ILE D 107 3.81 -4.37 -34.14
C ILE D 107 4.99 -3.59 -33.56
N THR D 108 5.85 -4.14 -32.73
CA THR D 108 7.07 -3.41 -32.36
C THR D 108 8.12 -3.76 -33.39
N ASP D 109 7.76 -4.56 -34.42
CA ASP D 109 8.73 -5.00 -35.41
C ASP D 109 9.86 -5.76 -34.70
N ASP D 110 9.47 -6.74 -33.88
CA ASP D 110 10.30 -7.58 -33.09
C ASP D 110 11.34 -6.89 -32.24
N THR D 111 11.15 -5.68 -31.75
CA THR D 111 12.04 -5.03 -30.85
C THR D 111 12.14 -5.80 -29.55
N TYR D 112 11.15 -6.49 -28.99
CA TYR D 112 11.16 -7.25 -27.78
C TYR D 112 10.63 -8.65 -28.10
N THR D 113 10.90 -9.63 -27.24
CA THR D 113 10.37 -10.96 -27.45
C THR D 113 9.07 -11.05 -26.68
N LYS D 114 8.28 -12.09 -26.90
CA LYS D 114 7.05 -12.28 -26.14
C LYS D 114 7.28 -12.51 -24.65
N LYS D 115 8.36 -13.25 -24.33
CA LYS D 115 8.73 -13.47 -22.90
C LYS D 115 9.02 -12.09 -22.28
N GLN D 116 9.60 -11.10 -22.92
CA GLN D 116 9.82 -9.81 -22.32
C GLN D 116 8.54 -9.05 -22.04
N VAL D 117 7.64 -9.05 -23.05
CA VAL D 117 6.39 -8.33 -22.93
C VAL D 117 5.58 -9.00 -21.87
N LEU D 118 5.64 -10.32 -21.70
CA LEU D 118 4.86 -11.02 -20.68
C LEU D 118 5.46 -10.79 -19.29
N ARG D 119 6.79 -10.87 -19.25
CA ARG D 119 7.40 -10.58 -17.91
C ARG D 119 7.20 -9.08 -17.63
N MET D 120 7.17 -8.16 -18.58
CA MET D 120 6.75 -6.80 -18.21
C MET D 120 5.30 -6.66 -17.82
N GLU D 121 4.37 -7.43 -18.41
CA GLU D 121 2.96 -7.26 -17.99
C GLU D 121 2.89 -7.62 -16.49
N HIS D 122 3.55 -8.67 -16.03
CA HIS D 122 3.62 -9.12 -14.67
C HIS D 122 4.15 -8.03 -13.73
N LEU D 123 5.16 -7.29 -14.19
CA LEU D 123 5.70 -6.21 -13.40
C LEU D 123 4.73 -5.05 -13.32
N VAL D 124 4.11 -4.71 -14.46
CA VAL D 124 3.17 -3.52 -14.38
C VAL D 124 2.04 -3.89 -13.47
N LEU D 125 1.45 -5.04 -13.56
CA LEU D 125 0.42 -5.59 -12.71
C LEU D 125 0.85 -5.52 -11.21
N LYS D 126 2.12 -5.90 -10.93
CA LYS D 126 2.58 -5.80 -9.54
C LYS D 126 2.70 -4.34 -9.13
N VAL D 127 3.26 -3.44 -9.93
CA VAL D 127 3.43 -2.08 -9.50
C VAL D 127 2.12 -1.37 -9.40
N LEU D 128 1.13 -1.57 -10.26
CA LEU D 128 -0.16 -0.97 -10.20
C LEU D 128 -1.08 -1.73 -9.23
N THR D 129 -0.60 -2.84 -8.63
CA THR D 129 -1.33 -3.71 -7.75
C THR D 129 -2.71 -4.04 -8.36
N PHE D 130 -2.71 -4.41 -9.65
CA PHE D 130 -3.82 -4.78 -10.43
C PHE D 130 -4.96 -3.75 -10.48
N ASP D 131 -4.76 -2.50 -10.13
CA ASP D 131 -5.81 -1.51 -10.15
C ASP D 131 -5.91 -0.92 -11.56
N LEU D 132 -6.61 -1.62 -12.45
CA LEU D 132 -6.69 -1.16 -13.84
C LEU D 132 -7.95 -0.43 -14.21
N ALA D 133 -8.94 -0.37 -13.32
CA ALA D 133 -10.20 0.25 -13.70
C ALA D 133 -10.16 1.73 -13.48
N ALA D 134 -9.38 2.53 -14.22
CA ALA D 134 -9.28 3.96 -13.95
C ALA D 134 -10.12 4.83 -14.86
N PRO D 135 -10.61 5.94 -14.32
CA PRO D 135 -11.47 6.89 -15.01
C PRO D 135 -10.64 7.56 -16.11
N THR D 136 -11.13 7.91 -17.24
CA THR D 136 -10.27 8.51 -18.24
C THR D 136 -10.94 9.77 -18.72
N VAL D 137 -10.23 10.53 -19.53
CA VAL D 137 -10.86 11.69 -20.15
C VAL D 137 -12.02 11.26 -21.00
N ASN D 138 -11.92 10.16 -21.71
CA ASN D 138 -12.92 9.56 -22.54
C ASN D 138 -14.15 9.15 -21.74
N GLN D 139 -14.00 8.60 -20.56
CA GLN D 139 -15.22 8.24 -19.81
C GLN D 139 -16.04 9.48 -19.46
N PHE D 140 -15.41 10.58 -19.00
CA PHE D 140 -16.13 11.79 -18.64
C PHE D 140 -16.74 12.46 -19.85
N LEU D 141 -15.98 12.49 -20.97
CA LEU D 141 -16.52 13.11 -22.18
C LEU D 141 -17.86 12.49 -22.61
N THR D 142 -17.88 11.19 -22.73
CA THR D 142 -19.04 10.41 -23.26
C THR D 142 -20.30 10.63 -22.44
N GLN D 143 -20.20 10.88 -21.15
CA GLN D 143 -21.12 11.31 -20.15
C GLN D 143 -21.45 12.80 -20.38
N TYR D 144 -20.49 13.70 -20.59
CA TYR D 144 -20.79 15.03 -21.04
C TYR D 144 -21.49 15.03 -22.39
N PHE D 145 -21.28 14.11 -23.35
CA PHE D 145 -21.94 14.17 -24.62
C PHE D 145 -23.46 13.97 -24.56
N LEU D 146 -23.95 13.41 -23.47
CA LEU D 146 -25.36 13.27 -23.18
C LEU D 146 -25.89 14.70 -22.99
N HIS D 147 -24.98 15.66 -22.89
CA HIS D 147 -24.94 17.07 -22.95
C HIS D 147 -24.04 17.85 -24.02
N GLN D 148 -24.64 18.36 -25.17
CA GLN D 148 -24.83 19.05 -26.45
C GLN D 148 -25.87 18.97 -27.66
N GLN D 149 -27.20 18.60 -27.71
CA GLN D 149 -28.57 18.23 -27.98
C GLN D 149 -28.84 17.22 -29.11
N PRO D 150 -29.18 17.73 -30.29
CA PRO D 150 -29.17 16.73 -31.38
C PRO D 150 -27.73 16.23 -31.09
N ALA D 151 -27.47 14.93 -31.01
CA ALA D 151 -26.07 14.61 -30.73
C ALA D 151 -25.27 15.23 -31.90
N ASN D 152 -24.32 16.10 -31.67
CA ASN D 152 -23.56 16.64 -32.79
C ASN D 152 -22.29 15.80 -32.91
N CYS D 153 -22.21 14.96 -33.93
CA CYS D 153 -21.08 14.13 -34.21
C CYS D 153 -19.74 14.83 -34.40
N LYS D 154 -19.78 16.07 -34.87
CA LYS D 154 -18.60 16.84 -35.11
C LYS D 154 -18.08 17.39 -33.82
N VAL D 155 -19.04 17.86 -33.03
CA VAL D 155 -18.58 18.38 -31.72
C VAL D 155 -17.92 17.23 -30.94
N GLU D 156 -18.44 16.03 -31.07
CA GLU D 156 -18.03 14.86 -30.29
C GLU D 156 -16.65 14.39 -30.76
N SER D 157 -16.49 14.22 -32.07
CA SER D 157 -15.23 13.82 -32.66
C SER D 157 -14.12 14.84 -32.34
N LEU D 158 -14.36 16.12 -32.46
CA LEU D 158 -13.44 17.17 -32.08
C LEU D 158 -13.17 17.20 -30.62
N ALA D 159 -14.18 16.89 -29.79
CA ALA D 159 -13.88 16.90 -28.32
C ALA D 159 -12.90 15.73 -28.01
N MET D 160 -13.06 14.60 -28.70
CA MET D 160 -12.14 13.50 -28.49
C MET D 160 -10.73 13.86 -28.97
N PHE D 161 -10.71 14.52 -30.16
CA PHE D 161 -9.41 14.97 -30.70
C PHE D 161 -8.68 15.75 -29.69
N LEU D 162 -9.30 16.77 -29.08
CA LEU D 162 -8.61 17.58 -28.11
C LEU D 162 -8.19 16.80 -26.88
N GLY D 163 -9.07 15.85 -26.42
CA GLY D 163 -8.68 15.18 -25.16
C GLY D 163 -7.53 14.21 -25.50
N GLU D 164 -7.56 13.71 -26.72
CA GLU D 164 -6.47 12.85 -27.16
C GLU D 164 -5.20 13.72 -27.27
N LEU D 165 -5.24 14.99 -27.75
CA LEU D 165 -4.03 15.78 -27.84
C LEU D 165 -3.45 16.02 -26.45
N SER D 166 -4.29 16.00 -25.40
CA SER D 166 -3.79 16.18 -24.05
C SER D 166 -2.98 15.00 -23.60
N LEU D 167 -3.06 13.81 -24.13
CA LEU D 167 -2.27 12.65 -23.73
C LEU D 167 -0.77 12.78 -24.08
N ILE D 168 -0.43 13.39 -25.22
CA ILE D 168 0.93 13.60 -25.67
C ILE D 168 1.74 14.47 -24.76
N ASP D 169 1.19 15.54 -24.23
CA ASP D 169 1.93 16.50 -23.44
C ASP D 169 1.73 16.39 -21.95
N ALA D 170 2.69 15.73 -21.25
CA ALA D 170 2.56 15.58 -19.80
C ALA D 170 2.70 16.91 -19.07
N ASP D 171 3.44 17.80 -19.73
CA ASP D 171 3.58 19.19 -19.40
C ASP D 171 2.80 20.15 -20.27
N PRO D 172 1.52 20.39 -20.16
CA PRO D 172 0.89 20.79 -18.95
C PRO D 172 -0.15 19.78 -18.41
N TYR D 173 -0.69 18.89 -19.24
CA TYR D 173 -1.87 18.09 -18.87
C TYR D 173 -1.87 17.14 -17.72
N LEU D 174 -0.74 16.66 -17.25
CA LEU D 174 -0.62 15.79 -16.09
C LEU D 174 -1.09 16.52 -14.85
N LYS D 175 -1.13 17.83 -14.82
CA LYS D 175 -1.60 18.59 -13.68
C LYS D 175 -3.12 18.55 -13.55
N TYR D 176 -3.83 18.30 -14.67
CA TYR D 176 -5.27 18.46 -14.57
C TYR D 176 -5.90 17.10 -14.42
N LEU D 177 -7.02 17.10 -13.72
CA LEU D 177 -7.79 15.85 -13.66
C LEU D 177 -8.45 15.58 -15.01
N PRO D 178 -8.75 14.33 -15.32
CA PRO D 178 -9.46 13.96 -16.52
C PRO D 178 -10.82 14.59 -16.66
N SER D 179 -11.55 14.84 -15.51
CA SER D 179 -12.86 15.47 -15.72
C SER D 179 -12.72 16.93 -16.19
N VAL D 180 -11.70 17.63 -15.70
CA VAL D 180 -11.50 19.02 -16.09
C VAL D 180 -10.96 19.10 -17.51
N ILE D 181 -10.05 18.17 -17.85
CA ILE D 181 -9.58 18.16 -19.24
C ILE D 181 -10.78 17.89 -20.11
N ALA D 182 -11.65 16.90 -19.81
CA ALA D 182 -12.81 16.60 -20.63
C ALA D 182 -13.73 17.84 -20.76
N GLY D 183 -13.97 18.55 -19.64
CA GLY D 183 -14.85 19.72 -19.79
C GLY D 183 -14.23 20.74 -20.79
N ALA D 184 -12.96 21.08 -20.55
CA ALA D 184 -12.24 21.97 -21.47
C ALA D 184 -12.35 21.48 -22.87
N ALA D 185 -12.10 20.18 -23.18
CA ALA D 185 -12.26 19.75 -24.55
C ALA D 185 -13.67 19.92 -25.04
N PHE D 186 -14.61 19.75 -24.09
CA PHE D 186 -15.99 19.80 -24.56
C PHE D 186 -16.42 21.22 -24.92
N HIS D 187 -16.15 22.18 -24.06
CA HIS D 187 -16.44 23.57 -24.31
C HIS D 187 -15.83 24.06 -25.64
N LEU D 188 -14.50 23.90 -25.65
CA LEU D 188 -13.71 24.19 -26.85
C LEU D 188 -14.23 23.53 -28.08
N ALA D 189 -14.66 22.27 -28.14
CA ALA D 189 -15.17 21.69 -29.37
C ALA D 189 -16.58 22.26 -29.71
N LEU D 190 -17.39 22.42 -28.66
CA LEU D 190 -18.73 22.97 -28.84
C LEU D 190 -18.67 24.41 -29.46
N TYR D 191 -17.86 25.23 -28.83
CA TYR D 191 -17.62 26.59 -29.26
C TYR D 191 -17.08 26.62 -30.68
N THR D 192 -16.14 25.74 -31.02
CA THR D 192 -15.55 25.72 -32.33
C THR D 192 -16.59 25.43 -33.40
N VAL D 193 -17.33 24.35 -33.21
CA VAL D 193 -18.23 23.92 -34.30
C VAL D 193 -19.53 24.72 -34.42
N THR D 194 -20.10 25.23 -33.33
CA THR D 194 -21.41 25.72 -33.22
C THR D 194 -21.46 27.02 -32.45
N GLY D 195 -20.45 27.59 -31.89
CA GLY D 195 -20.55 28.85 -31.18
C GLY D 195 -21.20 28.82 -29.84
N GLN D 196 -21.70 27.68 -29.40
CA GLN D 196 -22.28 27.49 -28.07
C GLN D 196 -21.21 27.25 -27.03
N SER D 197 -21.50 27.40 -25.75
CA SER D 197 -20.67 27.32 -24.61
C SER D 197 -21.04 26.19 -23.61
N TRP D 198 -20.10 25.90 -22.69
CA TRP D 198 -20.27 24.94 -21.60
C TRP D 198 -21.69 25.12 -21.11
N PRO D 199 -22.56 24.15 -21.38
CA PRO D 199 -23.96 24.28 -21.02
C PRO D 199 -24.21 24.25 -19.54
N GLU D 200 -25.26 24.84 -19.05
CA GLU D 200 -25.73 24.90 -17.66
C GLU D 200 -26.05 23.54 -17.08
N SER D 201 -26.37 22.55 -17.92
CA SER D 201 -26.68 21.17 -17.45
C SER D 201 -25.37 20.55 -16.96
N LEU D 202 -24.29 20.84 -17.74
CA LEU D 202 -22.94 20.42 -17.21
C LEU D 202 -22.51 21.23 -16.03
N ILE D 203 -22.81 22.54 -15.98
CA ILE D 203 -22.43 23.24 -14.72
C ILE D 203 -23.13 22.53 -13.58
N ARG D 204 -24.39 22.12 -13.74
CA ARG D 204 -25.07 21.50 -12.59
C ARG D 204 -24.54 20.10 -12.31
N LYS D 205 -24.32 19.33 -13.38
CA LYS D 205 -23.77 17.99 -13.19
C LYS D 205 -22.38 17.96 -12.58
N THR D 206 -21.43 18.80 -13.08
CA THR D 206 -20.05 18.71 -12.61
C THR D 206 -19.61 19.59 -11.50
N GLY D 207 -20.32 20.72 -11.30
CA GLY D 207 -19.93 21.76 -10.37
C GLY D 207 -18.92 22.69 -11.04
N TYR D 208 -18.58 22.46 -12.32
CA TYR D 208 -17.55 23.26 -12.95
C TYR D 208 -18.20 24.33 -13.83
N THR D 209 -17.59 25.52 -13.71
CA THR D 209 -18.07 26.67 -14.48
C THR D 209 -16.98 26.97 -15.47
N LEU D 210 -17.23 27.71 -16.52
CA LEU D 210 -16.18 28.12 -17.45
C LEU D 210 -15.07 28.81 -16.65
N GLU D 211 -15.37 29.58 -15.63
CA GLU D 211 -14.39 30.17 -14.78
C GLU D 211 -13.52 28.99 -14.35
N SER D 212 -13.98 28.04 -13.54
CA SER D 212 -13.12 26.94 -13.08
C SER D 212 -12.40 26.17 -14.16
N LEU D 213 -12.87 26.10 -15.40
CA LEU D 213 -12.16 25.43 -16.46
C LEU D 213 -11.16 26.33 -17.18
N LYS D 214 -11.00 27.60 -16.84
CA LYS D 214 -10.19 28.55 -17.62
C LYS D 214 -8.72 28.21 -17.84
N PRO D 215 -8.05 27.94 -16.75
CA PRO D 215 -6.64 27.53 -16.80
C PRO D 215 -6.45 26.43 -17.82
N CYS D 216 -7.19 25.32 -17.69
CA CYS D 216 -7.10 24.15 -18.51
C CYS D 216 -7.43 24.44 -19.95
N LEU D 217 -8.45 25.27 -20.07
CA LEU D 217 -8.91 25.73 -21.43
C LEU D 217 -7.93 26.69 -22.11
N MET D 218 -7.16 27.52 -21.42
CA MET D 218 -6.14 28.31 -22.16
C MET D 218 -5.02 27.41 -22.70
N ASP D 219 -4.57 26.45 -21.85
CA ASP D 219 -3.53 25.52 -22.30
C ASP D 219 -4.02 24.74 -23.50
N LEU D 220 -5.28 24.29 -23.39
CA LEU D 220 -5.83 23.45 -24.48
C LEU D 220 -6.03 24.25 -25.73
N HIS D 221 -6.50 25.50 -25.63
CA HIS D 221 -6.65 26.31 -26.87
C HIS D 221 -5.26 26.60 -27.46
N GLN D 222 -4.28 26.87 -26.56
CA GLN D 222 -2.93 26.96 -27.15
C GLN D 222 -2.48 25.69 -27.83
N THR D 223 -2.79 24.47 -27.32
CA THR D 223 -2.32 23.24 -27.97
C THR D 223 -3.03 23.03 -29.26
N TYR D 224 -4.34 23.42 -29.28
CA TYR D 224 -5.05 23.23 -30.57
C TYR D 224 -4.45 24.20 -31.61
N LEU D 225 -4.17 25.44 -31.20
CA LEU D 225 -3.65 26.45 -32.15
C LEU D 225 -2.29 26.04 -32.68
N LYS D 226 -1.40 25.55 -31.77
CA LYS D 226 -0.09 25.09 -32.25
C LYS D 226 -0.05 23.66 -32.71
N ALA D 227 -1.16 22.94 -32.89
CA ALA D 227 -1.07 21.54 -33.25
C ALA D 227 -0.38 21.24 -34.54
N PRO D 228 -0.62 21.95 -35.64
CA PRO D 228 0.03 21.62 -36.92
C PRO D 228 1.53 21.71 -36.87
N GLN D 229 2.19 22.37 -35.93
CA GLN D 229 3.60 22.48 -35.72
C GLN D 229 4.24 21.41 -34.80
N HIS D 230 3.41 20.75 -33.95
CA HIS D 230 3.91 19.84 -32.93
C HIS D 230 4.82 18.81 -33.54
N ALA D 231 5.87 18.39 -32.86
CA ALA D 231 6.65 17.26 -33.45
C ALA D 231 5.80 16.02 -33.62
N GLN D 232 4.82 15.73 -32.73
CA GLN D 232 3.99 14.53 -32.94
C GLN D 232 2.73 14.84 -33.72
N GLN D 233 2.42 14.08 -34.73
CA GLN D 233 1.39 14.24 -35.69
C GLN D 233 0.43 13.07 -35.90
N SER D 234 0.57 11.94 -35.24
CA SER D 234 -0.39 10.86 -35.49
C SER D 234 -1.82 11.17 -35.00
N ILE D 235 -2.11 12.00 -34.02
CA ILE D 235 -3.52 12.30 -33.68
C ILE D 235 -4.08 13.16 -34.78
N ARG D 236 -3.38 14.17 -35.35
CA ARG D 236 -3.94 14.92 -36.50
C ARG D 236 -4.26 14.03 -37.67
N GLU D 237 -3.24 13.17 -38.01
CA GLU D 237 -3.51 12.29 -39.18
C GLU D 237 -4.76 11.49 -38.90
N LYS D 238 -4.84 10.82 -37.69
CA LYS D 238 -5.99 10.03 -37.37
C LYS D 238 -7.29 10.77 -37.59
N TYR D 239 -7.50 11.94 -37.04
CA TYR D 239 -8.74 12.66 -37.06
C TYR D 239 -9.09 13.42 -38.36
N LYS D 240 -8.46 13.02 -39.47
CA LYS D 240 -8.64 13.55 -40.79
C LYS D 240 -9.58 12.59 -41.52
N ASN D 241 -9.63 11.37 -41.01
CA ASN D 241 -10.46 10.38 -41.68
C ASN D 241 -11.93 10.76 -41.53
N SER D 242 -12.77 10.24 -42.40
CA SER D 242 -14.22 10.52 -42.43
C SER D 242 -14.90 9.92 -41.20
N LYS D 243 -14.38 8.79 -40.75
CA LYS D 243 -14.76 8.20 -39.47
C LYS D 243 -14.77 9.25 -38.36
N TYR D 244 -13.88 10.22 -38.28
CA TYR D 244 -13.93 11.29 -37.31
C TYR D 244 -14.33 12.62 -37.94
N HIS D 245 -15.01 12.58 -39.09
CA HIS D 245 -15.55 13.77 -39.75
C HIS D 245 -14.51 14.78 -40.20
N GLY D 246 -13.25 14.32 -40.32
CA GLY D 246 -12.12 15.17 -40.65
C GLY D 246 -12.05 16.34 -39.71
N VAL D 247 -12.39 16.23 -38.44
CA VAL D 247 -12.33 17.43 -37.57
C VAL D 247 -10.97 17.99 -37.36
N SER D 248 -9.85 17.26 -37.56
CA SER D 248 -8.59 17.98 -37.27
C SER D 248 -8.33 19.01 -38.39
N LEU D 249 -8.99 18.84 -39.55
CA LEU D 249 -8.88 19.86 -40.59
C LEU D 249 -9.65 21.12 -40.19
N LEU D 250 -10.55 21.14 -39.21
CA LEU D 250 -11.23 22.42 -38.97
C LEU D 250 -10.16 23.39 -38.50
N ASN D 251 -10.41 24.68 -38.70
CA ASN D 251 -9.55 25.69 -38.15
C ASN D 251 -9.99 26.08 -36.76
N PRO D 252 -9.10 26.24 -35.80
CA PRO D 252 -9.46 26.58 -34.44
C PRO D 252 -9.88 28.01 -34.25
N PRO D 253 -10.72 28.29 -33.27
CA PRO D 253 -11.12 29.68 -32.99
C PRO D 253 -9.82 30.41 -32.75
N GLU D 254 -9.67 31.68 -33.11
CA GLU D 254 -8.42 32.41 -32.81
C GLU D 254 -8.55 32.95 -31.39
N THR D 255 -9.80 33.35 -31.05
CA THR D 255 -10.01 33.81 -29.66
C THR D 255 -11.20 33.06 -29.01
N LEU D 256 -11.30 33.11 -27.69
CA LEU D 256 -12.38 32.43 -26.98
C LEU D 256 -13.32 33.47 -26.36
N ASN D 257 -12.79 34.66 -26.11
CA ASN D 257 -13.60 35.70 -25.47
C ASN D 257 -14.12 35.17 -24.15
N LEU D 258 -13.20 35.00 -23.22
CA LEU D 258 -13.58 34.50 -21.89
C LEU D 258 -13.68 35.61 -20.85
N1 CMG E . 27.87 1.14 -4.12
C2 CMG E . 27.20 1.93 -5.10
N3 CMG E . 25.90 2.09 -4.96
C4 CMG E . 25.22 1.49 -3.86
C5 CMG E . 25.92 0.74 -2.99
C6 CMG E . 27.38 0.59 -3.11
O6 CMG E . 28.02 -0.16 -2.21
C9 CMG E . 29.39 0.05 -1.95
N7 CMG E . 24.92 0.32 -2.09
C8 CMG E . 23.79 0.86 -2.42
N9 CMG E . 23.97 1.56 -3.52
N2 CMG E . 27.93 2.44 -6.08
C10 CMG E . 30.12 -1.22 -1.47
C11 CMG E . 31.44 -0.75 -0.79
C12 CMG E . 32.15 -1.86 0.02
C13 CMG E . 31.23 -2.62 0.96
C14 CMG E . 29.98 -3.23 0.22
C15 CMG E . 29.23 -2.12 -0.60
N1 CMG F . -17.40 -21.89 -2.71
C2 CMG F . -17.33 -21.56 -1.29
N3 CMG F . -16.66 -20.49 -0.96
C4 CMG F . -16.07 -19.70 -2.00
C5 CMG F . -16.20 -20.02 -3.28
C6 CMG F . -16.94 -21.22 -3.67
O6 CMG F . -17.06 -21.57 -4.96
C9 CMG F . -17.99 -22.70 -5.14
N7 CMG F . -15.53 -18.98 -4.02
C8 CMG F . -15.11 -18.18 -3.14
N9 CMG F . -15.40 -18.57 -1.88
N2 CMG F . -17.91 -22.41 -0.51
C10 CMG F . -18.05 -22.78 -6.69
C11 CMG F . -19.07 -23.84 -7.20
C12 CMG F . -19.11 -23.86 -8.76
C13 CMG F . -17.66 -24.14 -9.29
C14 CMG F . -16.72 -22.94 -8.88
C15 CMG F . -16.66 -22.83 -7.32
#